data_8TZJ
#
_entry.id   8TZJ
#
_cell.length_a   1.00
_cell.length_b   1.00
_cell.length_c   1.00
_cell.angle_alpha   90.00
_cell.angle_beta   90.00
_cell.angle_gamma   90.00
#
_symmetry.space_group_name_H-M   'P 1'
#
loop_
_entity.id
_entity.type
_entity.pdbx_description
1 polymer 'Cell division ATP-binding protein FtsE'
2 polymer 'Cell division protein FtsX'
3 non-polymer 'MAGNESIUM ION'
4 non-polymer "ADENOSINE-5'-DIPHOSPHATE"
#
loop_
_entity_poly.entity_id
_entity_poly.type
_entity_poly.pdbx_seq_one_letter_code
_entity_poly.pdbx_strand_id
1 'polypeptide(L)'
;PALSGGDGVIRFQQVSKAYRGGRQALQKVDFHLRRGEMAFLGGHSGAGKSTLLKLICAIERPTDGKISFNGHDITRIPNK
DIPFLRRNIGIVFQDHRLLMDRSIYDNVALPMRIESISENEIKRRVSAALDKTGLLDKARCLPSQLSGGEQQRVGIARAV
VNRPTLLLADEPTGNLDPELSSRVLRLFEEFNRAGVTILLATHDIHLVNSRPQYRHLELNQGFLSEV
;
A,B
2 'polypeptide(L)'
;MAVKPGNQKISKTTKSTKSKPRDVKRAKTDSFLAIHFKQAKASFAALWRRPLGNILTLAVISMALALPASLYLLSKNIAS
VAERVAEPSQLSVYLHIDTPEPRIIVLKDDLERRDEIAKVKYISPQQGLDDLSQYAGFEQAISLLDNATLPAVLVVTPKV
DSREQIQTLAKALQAEEGVTDVRMDEDWFARLDAIRHLATIVVISLSSLMLMSVFLIVGNTLRFNVQANKEEIQTMKLIG
ATDAYILRPYLYSGMWFGLLGAVAAWLLTALMTILLNGAVEALAQLYDSRFRLIGLGWDESLLLLMLGVFLGCVAAKVSA
KRHLKEIEPV
;
C,D
#
loop_
_chem_comp.id
_chem_comp.type
_chem_comp.name
_chem_comp.formula
ADP non-polymer ADENOSINE-5'-DIPHOSPHATE 'C10 H15 N5 O10 P2'
MG non-polymer 'MAGNESIUM ION' 'Mg 2'
#
# COMPACT_ATOMS: atom_id res chain seq x y z
N GLY A 8 14.57 18.68 34.75
CA GLY A 8 15.23 18.91 33.48
C GLY A 8 14.32 18.65 32.30
N VAL A 9 14.83 18.90 31.10
CA VAL A 9 14.02 18.70 29.90
C VAL A 9 13.66 17.23 29.70
N ILE A 10 14.41 16.32 30.29
CA ILE A 10 14.10 14.90 30.21
C ILE A 10 14.93 14.17 31.27
N ARG A 11 14.35 13.16 31.89
CA ARG A 11 15.01 12.44 32.97
C ARG A 11 14.56 10.99 32.96
N PHE A 12 15.44 10.11 33.46
CA PHE A 12 15.16 8.69 33.56
C PHE A 12 15.49 8.22 34.97
N GLN A 13 14.64 7.36 35.51
CA GLN A 13 14.82 6.79 36.84
C GLN A 13 14.74 5.27 36.71
N GLN A 14 15.90 4.62 36.62
CA GLN A 14 15.99 3.16 36.60
C GLN A 14 15.06 2.57 35.54
N VAL A 15 15.03 3.20 34.37
CA VAL A 15 14.18 2.73 33.28
C VAL A 15 14.89 1.63 32.52
N SER A 16 14.13 0.61 32.13
CA SER A 16 14.66 -0.53 31.41
C SER A 16 13.57 -1.06 30.49
N LYS A 17 13.98 -1.75 29.42
CA LYS A 17 13.03 -2.25 28.46
C LYS A 17 13.44 -3.65 28.00
N ALA A 18 12.45 -4.54 27.81
CA ALA A 18 12.66 -5.89 27.34
C ALA A 18 11.68 -6.11 26.17
N TYR A 19 12.17 -6.55 25.02
CA TYR A 19 11.31 -6.77 23.85
C TYR A 19 10.49 -8.06 23.95
N ARG A 20 9.58 -8.27 22.99
CA ARG A 20 8.71 -9.46 23.00
C ARG A 20 9.51 -10.76 22.94
N GLY A 21 10.58 -10.77 22.16
CA GLY A 21 11.42 -11.97 22.03
C GLY A 21 12.21 -12.31 23.27
N GLY A 22 12.46 -11.31 24.11
CA GLY A 22 13.21 -11.50 25.33
C GLY A 22 14.56 -10.82 25.27
N ARG A 23 14.98 -10.37 24.10
CA ARG A 23 16.24 -9.64 24.00
C ARG A 23 15.97 -8.30 24.63
N GLN A 24 16.93 -7.76 25.38
CA GLN A 24 16.70 -6.50 26.07
C GLN A 24 17.52 -5.31 25.57
N ALA A 25 16.87 -4.24 25.15
CA ALA A 25 17.59 -3.09 24.64
C ALA A 25 18.25 -2.20 25.70
N LEU A 26 17.56 -1.90 26.80
CA LEU A 26 18.11 -0.99 27.81
C LEU A 26 18.01 -1.54 29.24
N GLN A 27 19.06 -1.43 30.06
CA GLN A 27 19.12 -1.96 31.42
C GLN A 27 19.70 -0.90 32.34
N LYS A 28 18.89 -0.41 33.27
CA LYS A 28 19.35 0.51 34.31
C LYS A 28 20.14 1.68 33.71
N VAL A 29 19.52 2.34 32.73
CA VAL A 29 20.10 3.54 32.12
C VAL A 29 19.51 4.77 32.82
N ASP A 30 20.39 5.65 33.30
CA ASP A 30 19.97 6.82 34.06
C ASP A 30 20.80 8.01 33.62
N PHE A 31 20.12 9.09 33.22
CA PHE A 31 20.81 10.32 32.87
C PHE A 31 19.87 11.49 33.07
N HIS A 32 20.46 12.68 33.18
CA HIS A 32 19.74 13.92 33.39
C HIS A 32 20.18 14.92 32.33
N LEU A 33 19.22 15.72 31.84
CA LEU A 33 19.48 16.69 30.79
C LEU A 33 18.88 18.03 31.19
N ARG A 34 19.72 19.06 31.25
CA ARG A 34 19.30 20.40 31.61
C ARG A 34 19.01 21.20 30.34
N ARG A 35 18.08 22.15 30.45
CA ARG A 35 17.67 22.95 29.32
C ARG A 35 18.87 23.69 28.73
N GLY A 36 19.01 23.61 27.41
CA GLY A 36 20.07 24.29 26.69
C GLY A 36 21.29 23.44 26.40
N GLU A 37 21.47 22.34 27.13
CA GLU A 37 22.64 21.49 26.91
C GLU A 37 22.44 20.60 25.69
N MET A 38 23.56 20.10 25.18
CA MET A 38 23.56 19.23 24.00
C MET A 38 24.35 17.97 24.33
N ALA A 39 23.86 16.83 23.83
CA ALA A 39 24.49 15.54 24.10
C ALA A 39 24.56 14.75 22.81
N PHE A 40 25.55 13.85 22.74
CA PHE A 40 25.78 13.06 21.54
C PHE A 40 25.26 11.64 21.62
N LEU A 41 25.27 11.02 22.81
CA LEU A 41 24.73 9.67 22.99
C LEU A 41 25.40 8.68 22.03
N GLY A 42 26.70 8.50 22.22
CA GLY A 42 27.44 7.56 21.40
C GLY A 42 27.16 6.12 21.80
N GLY A 43 27.27 5.22 20.82
CA GLY A 43 27.05 3.82 21.08
C GLY A 43 27.62 2.98 19.95
N HIS A 44 27.44 1.64 20.02
CA HIS A 44 27.95 0.70 19.05
C HIS A 44 26.91 0.47 17.95
N SER A 45 27.18 -0.41 16.98
CA SER A 45 26.21 -0.70 15.92
C SER A 45 24.94 -1.24 16.51
N GLY A 46 25.05 -1.99 17.59
CA GLY A 46 23.89 -2.55 18.25
C GLY A 46 23.54 -1.62 19.38
N ALA A 47 23.71 -2.06 20.64
CA ALA A 47 23.45 -1.24 21.83
C ALA A 47 21.96 -0.76 21.87
N GLY A 48 21.60 0.42 22.40
CA GLY A 48 20.20 0.79 22.35
C GLY A 48 19.92 2.24 21.96
N LYS A 49 20.68 2.79 21.03
CA LYS A 49 20.50 4.20 20.68
C LYS A 49 19.13 4.56 20.09
N SER A 50 18.62 3.79 19.14
CA SER A 50 17.31 4.12 18.57
C SER A 50 16.18 3.92 19.57
N THR A 51 16.27 2.85 20.36
CA THR A 51 15.21 2.59 21.33
C THR A 51 15.11 3.71 22.34
N LEU A 52 16.25 4.22 22.77
CA LEU A 52 16.24 5.31 23.74
C LEU A 52 15.49 6.50 23.16
N LEU A 53 15.67 6.76 21.87
CA LEU A 53 14.96 7.87 21.24
C LEU A 53 13.47 7.59 21.13
N LYS A 54 13.10 6.35 20.80
CA LYS A 54 11.69 5.99 20.75
C LYS A 54 11.04 6.15 22.12
N LEU A 55 11.72 5.70 23.17
CA LEU A 55 11.17 5.84 24.51
C LEU A 55 10.98 7.30 24.89
N ILE A 56 11.85 8.20 24.41
CA ILE A 56 11.76 9.60 24.81
C ILE A 56 10.43 10.19 24.36
N CYS A 57 9.99 9.88 23.14
CA CYS A 57 8.80 10.49 22.55
C CYS A 57 7.59 9.57 22.60
N ALA A 58 7.64 8.51 23.41
CA ALA A 58 6.48 7.68 23.72
C ALA A 58 5.96 6.90 22.51
N ILE A 59 6.83 6.59 21.55
CA ILE A 59 6.43 5.66 20.51
C ILE A 59 6.29 4.25 21.08
N GLU A 60 7.15 3.89 22.02
CA GLU A 60 7.09 2.62 22.72
C GLU A 60 7.20 2.89 24.22
N ARG A 61 6.45 2.14 25.01
CA ARG A 61 6.45 2.42 26.44
C ARG A 61 7.50 1.58 27.17
N PRO A 62 8.00 2.07 28.29
CA PRO A 62 9.00 1.32 29.05
C PRO A 62 8.35 0.25 29.91
N THR A 63 9.17 -0.43 30.70
CA THR A 63 8.70 -1.51 31.56
C THR A 63 9.06 -1.32 33.03
N ASP A 64 10.27 -0.87 33.34
CA ASP A 64 10.77 -0.89 34.72
C ASP A 64 10.65 0.48 35.40
N GLY A 65 11.26 1.51 34.81
CA GLY A 65 11.40 2.80 35.45
C GLY A 65 10.33 3.78 35.04
N LYS A 66 10.64 5.06 35.24
CA LYS A 66 9.73 6.15 34.94
C LYS A 66 10.46 7.24 34.17
N ILE A 67 9.70 7.95 33.33
CA ILE A 67 10.23 9.00 32.48
C ILE A 67 9.54 10.32 32.84
N SER A 68 10.32 11.37 32.99
CA SER A 68 9.80 12.71 33.31
C SER A 68 10.24 13.68 32.22
N PHE A 69 9.26 14.31 31.56
CA PHE A 69 9.57 15.27 30.51
C PHE A 69 9.90 16.64 31.11
N ASN A 70 8.93 17.25 31.79
CA ASN A 70 9.12 18.50 32.50
C ASN A 70 8.51 18.42 33.89
N GLY A 71 8.79 17.33 34.59
CA GLY A 71 8.13 17.05 35.84
C GLY A 71 6.82 16.30 35.69
N HIS A 72 6.36 16.06 34.47
CA HIS A 72 5.15 15.29 34.21
C HIS A 72 5.54 13.88 33.82
N ASP A 73 5.00 12.90 34.53
CA ASP A 73 5.32 11.51 34.26
C ASP A 73 4.84 11.12 32.87
N ILE A 74 5.71 10.50 32.09
CA ILE A 74 5.38 9.96 30.78
C ILE A 74 5.36 8.44 30.79
N THR A 75 5.51 7.83 31.96
CA THR A 75 5.59 6.38 32.03
C THR A 75 4.33 5.73 31.51
N ARG A 76 3.17 6.23 31.92
CA ARG A 76 1.87 5.70 31.54
C ARG A 76 0.99 6.79 30.97
N ILE A 77 1.54 7.58 30.06
CA ILE A 77 0.75 8.64 29.43
C ILE A 77 -0.39 8.01 28.64
N PRO A 78 -1.64 8.45 28.83
CA PRO A 78 -2.73 7.86 28.05
C PRO A 78 -2.55 8.12 26.57
N ASN A 79 -3.01 7.17 25.75
CA ASN A 79 -2.80 7.26 24.31
C ASN A 79 -3.41 8.51 23.71
N LYS A 80 -4.38 9.12 24.38
CA LYS A 80 -5.01 10.33 23.84
C LYS A 80 -4.15 11.56 24.04
N ASP A 81 -3.30 11.58 25.06
CA ASP A 81 -2.45 12.73 25.34
C ASP A 81 -1.08 12.65 24.67
N ILE A 82 -0.79 11.56 23.96
CA ILE A 82 0.51 11.44 23.28
C ILE A 82 0.72 12.57 22.28
N PRO A 83 -0.26 12.92 21.43
CA PRO A 83 0.01 13.98 20.45
C PRO A 83 0.43 15.30 21.07
N PHE A 84 -0.14 15.67 22.21
CA PHE A 84 0.25 16.92 22.85
C PHE A 84 1.71 16.89 23.26
N LEU A 85 2.18 15.74 23.74
CA LEU A 85 3.59 15.59 24.06
C LEU A 85 4.45 15.65 22.80
N ARG A 86 4.06 14.91 21.76
CA ARG A 86 4.87 14.87 20.55
C ARG A 86 4.98 16.24 19.89
N ARG A 87 3.98 17.10 20.07
CA ARG A 87 4.07 18.45 19.51
C ARG A 87 5.27 19.20 20.06
N ASN A 88 5.65 18.94 21.33
CA ASN A 88 6.82 19.60 21.90
C ASN A 88 8.11 19.08 21.28
N ILE A 89 8.17 17.79 20.98
CA ILE A 89 9.40 17.13 20.54
C ILE A 89 9.45 17.11 19.03
N GLY A 90 10.56 17.55 18.46
CA GLY A 90 10.82 17.44 17.03
C GLY A 90 11.84 16.34 16.79
N ILE A 91 11.63 15.57 15.72
CA ILE A 91 12.42 14.39 15.44
C ILE A 91 13.03 14.50 14.05
N VAL A 92 14.32 14.20 13.94
CA VAL A 92 15.02 14.11 12.66
C VAL A 92 15.52 12.68 12.51
N PHE A 93 15.21 12.06 11.38
CA PHE A 93 15.56 10.67 11.13
C PHE A 93 16.62 10.57 10.04
N GLN A 94 17.29 9.42 10.01
CA GLN A 94 18.35 9.19 9.05
C GLN A 94 17.82 9.19 7.61
N ASP A 95 16.60 8.68 7.41
CA ASP A 95 16.04 8.54 6.06
C ASP A 95 15.47 9.84 5.52
N HIS A 96 15.58 10.95 6.26
CA HIS A 96 15.05 12.24 5.82
C HIS A 96 13.65 12.08 5.24
N ARG A 97 12.77 11.49 6.04
CA ARG A 97 11.41 11.21 5.60
C ARG A 97 10.76 12.45 5.02
N LEU A 98 10.44 12.42 3.73
CA LEU A 98 9.79 13.53 3.05
C LEU A 98 8.72 12.98 2.13
N LEU A 99 7.71 13.80 1.85
CA LEU A 99 6.64 13.44 0.94
C LEU A 99 7.03 13.89 -0.46
N MET A 100 7.38 12.94 -1.32
CA MET A 100 7.88 13.29 -2.65
C MET A 100 6.81 13.98 -3.48
N ASP A 101 5.53 13.66 -3.23
CA ASP A 101 4.46 14.23 -4.04
C ASP A 101 4.36 15.75 -3.85
N ARG A 102 4.42 16.21 -2.61
CA ARG A 102 4.17 17.61 -2.31
C ARG A 102 5.44 18.43 -2.47
N SER A 103 5.27 19.75 -2.45
CA SER A 103 6.39 20.67 -2.57
C SER A 103 7.11 20.82 -1.24
N ILE A 104 8.29 21.44 -1.29
CA ILE A 104 9.08 21.67 -0.08
C ILE A 104 8.30 22.54 0.89
N TYR A 105 7.67 23.61 0.38
CA TYR A 105 6.92 24.50 1.26
C TYR A 105 5.76 23.78 1.93
N ASP A 106 5.15 22.80 1.26
CA ASP A 106 4.08 22.04 1.88
C ASP A 106 4.63 21.11 2.95
N ASN A 107 5.74 20.44 2.67
CA ASN A 107 6.33 19.55 3.67
C ASN A 107 6.73 20.31 4.92
N VAL A 108 7.37 21.47 4.76
CA VAL A 108 7.82 22.23 5.92
C VAL A 108 6.65 22.82 6.69
N ALA A 109 5.47 22.92 6.09
CA ALA A 109 4.31 23.52 6.73
C ALA A 109 3.36 22.50 7.32
N LEU A 110 3.67 21.20 7.22
CA LEU A 110 2.76 20.21 7.76
C LEU A 110 2.58 20.31 9.27
N PRO A 111 3.62 20.48 10.08
CA PRO A 111 3.39 20.62 11.53
C PRO A 111 2.52 21.81 11.88
N MET A 112 2.59 22.90 11.12
CA MET A 112 1.77 24.07 11.38
C MET A 112 0.34 23.90 10.90
N ARG A 113 0.06 22.92 10.04
CA ARG A 113 -1.30 22.64 9.62
C ARG A 113 -1.95 21.52 10.41
N ILE A 114 -1.17 20.68 11.08
CA ILE A 114 -1.76 19.67 11.95
C ILE A 114 -2.62 20.33 13.01
N GLU A 115 -2.13 21.42 13.60
CA GLU A 115 -2.94 22.32 14.40
C GLU A 115 -3.33 23.50 13.53
N SER A 116 -4.63 23.75 13.41
CA SER A 116 -5.11 24.74 12.47
C SER A 116 -4.53 26.12 12.79
N ILE A 117 -3.89 26.73 11.80
CA ILE A 117 -3.30 28.06 11.94
C ILE A 117 -3.61 28.85 10.68
N SER A 118 -3.72 30.17 10.84
CA SER A 118 -4.00 31.03 9.69
C SER A 118 -2.90 30.92 8.66
N GLU A 119 -3.29 30.96 7.38
CA GLU A 119 -2.33 30.70 6.31
C GLU A 119 -1.23 31.75 6.26
N ASN A 120 -1.54 33.01 6.59
CA ASN A 120 -0.52 34.05 6.55
C ASN A 120 0.60 33.77 7.55
N GLU A 121 0.24 33.39 8.77
CA GLU A 121 1.26 33.06 9.76
C GLU A 121 2.08 31.86 9.32
N ILE A 122 1.43 30.85 8.73
CA ILE A 122 2.16 29.70 8.22
C ILE A 122 3.17 30.15 7.17
N LYS A 123 2.73 31.01 6.24
CA LYS A 123 3.64 31.48 5.21
C LYS A 123 4.85 32.17 5.81
N ARG A 124 4.61 33.12 6.72
CA ARG A 124 5.73 33.89 7.26
C ARG A 124 6.67 32.99 8.07
N ARG A 125 6.12 32.08 8.87
CA ARG A 125 6.96 31.24 9.71
C ARG A 125 7.77 30.26 8.86
N VAL A 126 7.16 29.66 7.84
CA VAL A 126 7.89 28.75 6.97
C VAL A 126 8.98 29.50 6.21
N SER A 127 8.67 30.71 5.75
CA SER A 127 9.70 31.51 5.08
C SER A 127 10.86 31.80 6.02
N ALA A 128 10.58 32.15 7.27
CA ALA A 128 11.64 32.40 8.22
C ALA A 128 12.49 31.15 8.45
N ALA A 129 11.84 30.00 8.62
CA ALA A 129 12.59 28.77 8.87
C ALA A 129 13.47 28.41 7.68
N LEU A 130 12.93 28.48 6.47
CA LEU A 130 13.72 28.15 5.29
C LEU A 130 14.85 29.15 5.08
N ASP A 131 14.62 30.43 5.39
CA ASP A 131 15.71 31.39 5.35
C ASP A 131 16.80 31.03 6.34
N LYS A 132 16.41 30.58 7.53
CA LYS A 132 17.40 30.19 8.54
C LYS A 132 18.22 29.01 8.05
N THR A 133 17.58 28.05 7.38
CA THR A 133 18.30 26.90 6.84
C THR A 133 18.86 27.14 5.44
N GLY A 134 18.58 28.29 4.83
CA GLY A 134 19.14 28.62 3.54
C GLY A 134 18.43 28.02 2.35
N LEU A 135 17.28 27.39 2.55
CA LEU A 135 16.50 26.79 1.48
C LEU A 135 15.34 27.66 1.02
N LEU A 136 15.31 28.93 1.44
CA LEU A 136 14.20 29.80 1.08
C LEU A 136 14.05 29.90 -0.44
N ASP A 137 15.16 29.89 -1.17
CA ASP A 137 15.09 30.07 -2.62
C ASP A 137 14.30 28.95 -3.28
N LYS A 138 14.54 27.71 -2.86
CA LYS A 138 13.90 26.54 -3.47
C LYS A 138 12.62 26.12 -2.75
N ALA A 139 11.95 27.06 -2.07
CA ALA A 139 10.79 26.70 -1.27
C ALA A 139 9.67 26.09 -2.12
N ARG A 140 9.58 26.47 -3.39
CA ARG A 140 8.49 26.04 -4.25
C ARG A 140 8.85 24.82 -5.09
N CYS A 141 10.04 24.25 -4.91
CA CYS A 141 10.48 23.13 -5.72
C CYS A 141 10.10 21.81 -5.07
N LEU A 142 10.13 20.74 -5.86
CA LEU A 142 9.81 19.42 -5.35
C LEU A 142 11.03 18.80 -4.67
N PRO A 143 10.83 17.89 -3.70
CA PRO A 143 11.97 17.27 -3.04
C PRO A 143 12.89 16.51 -3.98
N SER A 144 12.34 15.93 -5.05
CA SER A 144 13.15 15.10 -5.93
C SER A 144 14.29 15.90 -6.55
N GLN A 145 14.01 17.13 -6.97
CA GLN A 145 15.04 17.94 -7.62
C GLN A 145 16.16 18.34 -6.67
N LEU A 146 15.93 18.29 -5.36
CA LEU A 146 16.96 18.63 -4.41
C LEU A 146 18.02 17.52 -4.31
N SER A 147 19.22 17.92 -3.88
CA SER A 147 20.26 16.96 -3.58
C SER A 147 20.05 16.39 -2.17
N GLY A 148 20.86 15.38 -1.83
CA GLY A 148 20.67 14.71 -0.56
C GLY A 148 20.82 15.65 0.63
N GLY A 149 21.87 16.46 0.62
CA GLY A 149 22.06 17.40 1.72
C GLY A 149 20.92 18.39 1.83
N GLU A 150 20.42 18.87 0.69
CA GLU A 150 19.29 19.79 0.71
C GLU A 150 18.04 19.11 1.27
N GLN A 151 17.82 17.84 0.93
CA GLN A 151 16.68 17.12 1.48
C GLN A 151 16.81 16.97 3.00
N GLN A 152 18.03 16.66 3.47
CA GLN A 152 18.23 16.54 4.92
C GLN A 152 17.99 17.88 5.61
N ARG A 153 18.45 18.98 5.00
CA ARG A 153 18.21 20.28 5.59
C ARG A 153 16.72 20.62 5.61
N VAL A 154 16.00 20.22 4.57
CA VAL A 154 14.55 20.42 4.56
C VAL A 154 13.91 19.62 5.69
N GLY A 155 14.38 18.40 5.92
CA GLY A 155 13.86 17.62 7.03
C GLY A 155 14.12 18.29 8.37
N ILE A 156 15.33 18.82 8.56
CA ILE A 156 15.64 19.52 9.80
C ILE A 156 14.74 20.74 9.97
N ALA A 157 14.54 21.49 8.90
CA ALA A 157 13.66 22.66 8.97
C ALA A 157 12.25 22.26 9.33
N ARG A 158 11.74 21.18 8.75
CA ARG A 158 10.39 20.72 9.08
C ARG A 158 10.31 20.29 10.53
N ALA A 159 11.36 19.65 11.03
CA ALA A 159 11.37 19.26 12.44
C ALA A 159 11.33 20.47 13.36
N VAL A 160 12.10 21.52 13.03
CA VAL A 160 12.27 22.65 13.93
C VAL A 160 11.26 23.77 13.72
N VAL A 161 10.40 23.68 12.69
CA VAL A 161 9.52 24.79 12.37
C VAL A 161 8.57 25.15 13.49
N ASN A 162 8.27 24.22 14.41
CA ASN A 162 7.21 24.41 15.39
C ASN A 162 7.76 24.83 16.76
N ARG A 163 8.97 25.39 16.80
CA ARG A 163 9.58 25.85 18.04
C ARG A 163 9.57 24.75 19.12
N PRO A 164 10.09 23.57 18.81
CA PRO A 164 10.11 22.50 19.82
C PRO A 164 11.06 22.82 20.96
N THR A 165 10.69 22.35 22.16
CA THR A 165 11.56 22.52 23.31
C THR A 165 12.74 21.55 23.29
N LEU A 166 12.55 20.35 22.75
CA LEU A 166 13.58 19.34 22.67
C LEU A 166 13.62 18.79 21.25
N LEU A 167 14.81 18.68 20.68
CA LEU A 167 15.01 18.19 19.32
C LEU A 167 15.80 16.89 19.38
N LEU A 168 15.25 15.83 18.81
CA LEU A 168 15.87 14.51 18.80
C LEU A 168 16.28 14.18 17.37
N ALA A 169 17.55 13.86 17.17
CA ALA A 169 18.05 13.46 15.87
C ALA A 169 18.60 12.05 15.96
N ASP A 170 18.13 11.17 15.08
CA ASP A 170 18.55 9.77 15.03
C ASP A 170 19.49 9.60 13.84
N GLU A 171 20.78 9.78 14.07
CA GLU A 171 21.80 9.65 13.05
C GLU A 171 21.43 10.48 11.81
N PRO A 172 21.35 11.80 11.95
CA PRO A 172 21.02 12.63 10.78
C PRO A 172 22.02 12.51 9.64
N THR A 173 23.29 12.26 9.94
CA THR A 173 24.35 12.26 8.95
C THR A 173 24.68 10.86 8.46
N GLY A 174 23.69 9.98 8.39
CA GLY A 174 23.94 8.62 7.94
C GLY A 174 24.34 8.56 6.47
N ASN A 175 23.67 9.34 5.63
CA ASN A 175 23.80 9.24 4.18
C ASN A 175 24.58 10.41 3.58
N LEU A 176 25.51 10.99 4.33
CA LEU A 176 26.32 12.09 3.83
C LEU A 176 27.80 11.82 4.10
N ASP A 177 28.63 12.30 3.19
CA ASP A 177 30.08 12.19 3.34
C ASP A 177 30.57 13.15 4.40
N PRO A 178 31.79 12.98 4.89
CA PRO A 178 32.27 13.84 5.99
C PRO A 178 32.21 15.33 5.67
N GLU A 179 32.32 15.71 4.40
CA GLU A 179 32.33 17.13 4.07
C GLU A 179 31.04 17.82 4.50
N LEU A 180 29.90 17.19 4.21
CA LEU A 180 28.61 17.78 4.60
C LEU A 180 28.26 17.50 6.06
N SER A 181 28.94 16.55 6.69
CA SER A 181 28.69 16.29 8.10
C SER A 181 29.02 17.51 8.94
N SER A 182 30.12 18.20 8.63
CA SER A 182 30.46 19.40 9.38
C SER A 182 29.40 20.47 9.22
N ARG A 183 28.88 20.65 7.99
CA ARG A 183 27.85 21.67 7.78
C ARG A 183 26.60 21.35 8.58
N VAL A 184 26.16 20.09 8.56
CA VAL A 184 24.95 19.73 9.29
C VAL A 184 25.17 19.91 10.79
N LEU A 185 26.33 19.49 11.30
CA LEU A 185 26.59 19.64 12.72
C LEU A 185 26.68 21.11 13.13
N ARG A 186 27.22 21.97 12.26
CA ARG A 186 27.23 23.39 12.58
C ARG A 186 25.83 23.98 12.57
N LEU A 187 24.97 23.52 11.67
CA LEU A 187 23.58 23.94 11.72
C LEU A 187 22.93 23.54 13.04
N PHE A 188 23.18 22.31 13.50
CA PHE A 188 22.65 21.88 14.78
C PHE A 188 23.21 22.73 15.92
N GLU A 189 24.49 23.08 15.84
CA GLU A 189 25.08 23.93 16.88
C GLU A 189 24.44 25.32 16.88
N GLU A 190 24.13 25.85 15.70
CA GLU A 190 23.41 27.13 15.64
C GLU A 190 22.06 27.02 16.34
N PHE A 191 21.33 25.94 16.06
CA PHE A 191 20.04 25.75 16.73
C PHE A 191 20.23 25.65 18.24
N ASN A 192 21.26 24.96 18.69
CA ASN A 192 21.53 24.86 20.11
C ASN A 192 21.81 26.24 20.70
N ARG A 193 22.59 27.06 19.99
CA ARG A 193 22.82 28.43 20.44
C ARG A 193 21.51 29.20 20.56
N ALA A 194 20.57 28.93 19.64
CA ALA A 194 19.28 29.61 19.71
C ALA A 194 18.57 29.33 21.03
N GLY A 195 18.87 28.21 21.68
CA GLY A 195 18.27 27.88 22.96
C GLY A 195 17.47 26.60 22.94
N VAL A 196 17.54 25.85 21.84
CA VAL A 196 16.79 24.61 21.69
C VAL A 196 17.65 23.47 22.22
N THR A 197 17.15 22.75 23.22
CA THR A 197 17.84 21.58 23.72
C THR A 197 17.87 20.50 22.64
N ILE A 198 19.03 19.89 22.45
CA ILE A 198 19.24 18.90 21.39
C ILE A 198 19.91 17.67 22.00
N LEU A 199 19.42 16.49 21.63
CA LEU A 199 20.03 15.22 22.00
C LEU A 199 20.31 14.46 20.73
N LEU A 200 21.55 14.51 20.27
CA LEU A 200 21.98 13.85 19.05
C LEU A 200 22.29 12.38 19.33
N ALA A 201 22.27 11.58 18.28
CA ALA A 201 22.52 10.14 18.39
C ALA A 201 23.35 9.70 17.20
N THR A 202 24.55 9.17 17.46
CA THR A 202 25.44 8.75 16.39
C THR A 202 26.43 7.74 16.92
N HIS A 203 27.00 6.97 16.00
CA HIS A 203 28.01 5.98 16.32
C HIS A 203 29.38 6.34 15.78
N ASP A 204 29.50 7.46 15.06
CA ASP A 204 30.78 7.89 14.50
C ASP A 204 31.61 8.51 15.61
N ILE A 205 32.65 7.78 16.05
CA ILE A 205 33.48 8.28 17.13
C ILE A 205 34.27 9.52 16.70
N HIS A 206 34.66 9.59 15.43
CA HIS A 206 35.46 10.73 14.98
C HIS A 206 34.69 12.03 15.14
N LEU A 207 33.42 12.05 14.75
CA LEU A 207 32.65 13.29 14.80
C LEU A 207 32.51 13.79 16.24
N VAL A 208 32.18 12.89 17.16
CA VAL A 208 32.02 13.29 18.56
C VAL A 208 33.37 13.71 19.14
N ASN A 209 34.44 12.97 18.82
CA ASN A 209 35.76 13.34 19.32
C ASN A 209 36.20 14.69 18.78
N SER A 210 35.65 15.11 17.64
CA SER A 210 36.03 16.40 17.09
C SER A 210 35.68 17.54 18.04
N ARG A 211 34.50 17.48 18.65
CA ARG A 211 33.99 18.57 19.50
C ARG A 211 33.80 18.08 20.92
N PRO A 212 34.71 18.38 21.84
CA PRO A 212 34.58 17.91 23.22
C PRO A 212 33.81 18.82 24.16
N GLN A 213 33.27 19.94 23.67
CA GLN A 213 32.57 20.86 24.56
C GLN A 213 31.34 20.20 25.17
N TYR A 214 30.58 19.47 24.36
CA TYR A 214 29.30 18.92 24.78
C TYR A 214 29.50 17.59 25.50
N ARG A 215 28.75 17.40 26.57
CA ARG A 215 28.85 16.17 27.34
C ARG A 215 28.52 14.97 26.47
N HIS A 216 29.27 13.88 26.68
CA HIS A 216 29.16 12.67 25.89
C HIS A 216 28.66 11.54 26.76
N LEU A 217 27.61 10.86 26.30
CA LEU A 217 27.05 9.69 26.98
C LEU A 217 27.28 8.46 26.09
N GLU A 218 27.93 7.44 26.65
CA GLU A 218 28.24 6.23 25.93
C GLU A 218 27.24 5.14 26.33
N LEU A 219 26.58 4.55 25.34
CA LEU A 219 25.60 3.50 25.54
C LEU A 219 26.18 2.19 25.03
N ASN A 220 26.61 1.32 25.94
CA ASN A 220 27.28 0.07 25.60
C ASN A 220 26.47 -1.10 26.11
N GLN A 221 25.92 -1.88 25.18
CA GLN A 221 25.17 -3.09 25.52
C GLN A 221 24.04 -2.79 26.50
N GLY A 222 23.35 -1.67 26.28
CA GLY A 222 22.23 -1.29 27.11
C GLY A 222 22.59 -0.60 28.41
N PHE A 223 23.86 -0.41 28.70
CA PHE A 223 24.31 0.31 29.89
C PHE A 223 24.91 1.64 29.48
N LEU A 224 24.67 2.67 30.29
CA LEU A 224 25.07 4.04 29.99
C LEU A 224 26.07 4.50 31.05
N SER A 225 27.34 4.60 30.66
CA SER A 225 28.36 5.08 31.58
C SER A 225 28.19 6.57 31.86
N GLU A 226 27.79 7.34 30.86
CA GLU A 226 27.62 8.79 30.99
C GLU A 226 28.95 9.46 31.29
N VAL A 227 30.01 8.98 30.65
CA VAL A 227 31.34 9.56 30.82
C VAL A 227 32.06 9.60 29.48
N GLY B 8 35.39 -7.41 -21.31
CA GLY B 8 35.38 -7.51 -19.87
C GLY B 8 33.99 -7.76 -19.33
N VAL B 9 33.89 -7.92 -18.01
CA VAL B 9 32.61 -8.19 -17.38
C VAL B 9 31.65 -7.01 -17.53
N ILE B 10 32.17 -5.81 -17.77
CA ILE B 10 31.33 -4.64 -17.99
C ILE B 10 32.20 -3.54 -18.57
N ARG B 11 31.65 -2.76 -19.51
CA ARG B 11 32.41 -1.74 -20.19
C ARG B 11 31.49 -0.59 -20.55
N PHE B 12 32.07 0.61 -20.65
CA PHE B 12 31.35 1.82 -21.01
C PHE B 12 32.10 2.53 -22.12
N GLN B 13 31.36 3.04 -23.10
CA GLN B 13 31.93 3.80 -24.22
C GLN B 13 31.20 5.14 -24.30
N GLN B 14 31.81 6.17 -23.72
CA GLN B 14 31.30 7.54 -23.80
C GLN B 14 29.82 7.59 -23.40
N VAL B 15 29.48 6.88 -22.34
CA VAL B 15 28.10 6.84 -21.85
C VAL B 15 27.86 8.05 -20.97
N SER B 16 26.66 8.64 -21.10
CA SER B 16 26.28 9.80 -20.33
C SER B 16 24.78 9.76 -20.12
N LYS B 17 24.31 10.43 -19.07
CA LYS B 17 22.89 10.41 -18.74
C LYS B 17 22.45 11.79 -18.30
N ALA B 18 21.23 12.20 -18.69
CA ALA B 18 20.64 13.46 -18.32
C ALA B 18 19.22 13.16 -17.81
N TYR B 19 18.87 13.62 -16.62
CA TYR B 19 17.55 13.35 -16.05
C TYR B 19 16.44 14.23 -16.67
N ARG B 20 15.18 13.96 -16.31
CA ARG B 20 14.05 14.70 -16.86
C ARG B 20 14.12 16.20 -16.55
N GLY B 21 14.58 16.54 -15.35
CA GLY B 21 14.69 17.93 -14.95
C GLY B 21 15.79 18.69 -15.67
N GLY B 22 16.78 17.98 -16.18
CA GLY B 22 17.89 18.59 -16.89
C GLY B 22 19.18 18.48 -16.11
N ARG B 23 19.11 18.09 -14.84
CA ARG B 23 20.32 17.92 -14.06
C ARG B 23 20.97 16.65 -14.61
N GLN B 24 22.28 16.62 -14.73
CA GLN B 24 22.93 15.46 -15.32
C GLN B 24 23.80 14.64 -14.37
N ALA B 25 23.51 13.35 -14.20
CA ALA B 25 24.28 12.52 -13.29
C ALA B 25 25.66 12.09 -13.80
N LEU B 26 25.76 11.67 -15.06
CA LEU B 26 27.04 11.17 -15.58
C LEU B 26 27.44 11.79 -16.92
N GLN B 27 28.71 12.20 -17.11
CA GLN B 27 29.21 12.85 -18.30
C GLN B 27 30.53 12.21 -18.71
N LYS B 28 30.54 11.56 -19.87
CA LYS B 28 31.76 11.00 -20.45
C LYS B 28 32.54 10.18 -19.43
N VAL B 29 31.85 9.23 -18.81
CA VAL B 29 32.46 8.29 -17.88
C VAL B 29 32.83 7.02 -18.65
N ASP B 30 34.10 6.61 -18.55
CA ASP B 30 34.60 5.46 -19.29
C ASP B 30 35.50 4.65 -18.38
N PHE B 31 35.20 3.36 -18.26
CA PHE B 31 36.05 2.46 -17.49
C PHE B 31 35.88 1.03 -18.00
N HIS B 32 36.86 0.20 -17.68
CA HIS B 32 36.88 -1.20 -18.10
C HIS B 32 37.11 -2.07 -16.87
N LEU B 33 36.44 -3.22 -16.83
CA LEU B 33 36.51 -4.12 -15.69
C LEU B 33 36.76 -5.53 -16.19
N ARG B 34 37.86 -6.14 -15.72
CA ARG B 34 38.23 -7.49 -16.11
C ARG B 34 37.70 -8.48 -15.07
N ARG B 35 37.40 -9.70 -15.53
CA ARG B 35 36.84 -10.71 -14.65
C ARG B 35 37.78 -10.99 -13.49
N GLY B 36 37.22 -11.02 -12.28
CA GLY B 36 37.97 -11.30 -11.07
C GLY B 36 38.44 -10.08 -10.31
N GLU B 37 38.50 -8.93 -10.96
CA GLU B 37 38.97 -7.71 -10.30
C GLU B 37 37.88 -7.12 -9.42
N MET B 38 38.30 -6.28 -8.48
CA MET B 38 37.39 -5.61 -7.56
C MET B 38 37.67 -4.12 -7.58
N ALA B 39 36.61 -3.32 -7.51
CA ALA B 39 36.72 -1.87 -7.56
C ALA B 39 35.84 -1.26 -6.49
N PHE B 40 36.21 -0.06 -6.04
CA PHE B 40 35.51 0.61 -4.96
C PHE B 40 34.57 1.72 -5.43
N LEU B 41 34.92 2.41 -6.52
CA LEU B 41 34.06 3.46 -7.07
C LEU B 41 33.72 4.52 -6.02
N GLY B 42 34.76 5.21 -5.56
CA GLY B 42 34.58 6.27 -4.59
C GLY B 42 33.99 7.52 -5.22
N GLY B 43 33.24 8.27 -4.41
CA GLY B 43 32.64 9.50 -4.87
C GLY B 43 32.20 10.36 -3.72
N HIS B 44 31.58 11.52 -4.00
CA HIS B 44 31.13 12.49 -3.00
C HIS B 44 29.69 12.16 -2.58
N SER B 45 29.09 12.96 -1.70
CA SER B 45 27.71 12.72 -1.28
C SER B 45 26.78 12.78 -2.47
N GLY B 46 27.10 13.65 -3.43
CA GLY B 46 26.30 13.78 -4.62
C GLY B 46 26.94 12.91 -5.69
N ALA B 47 27.51 13.52 -6.73
CA ALA B 47 28.22 12.80 -7.80
C ALA B 47 27.26 11.79 -8.52
N GLY B 48 27.69 10.63 -9.03
CA GLY B 48 26.72 9.74 -9.63
C GLY B 48 26.88 8.27 -9.29
N LYS B 49 27.25 7.95 -8.05
CA LYS B 49 27.47 6.55 -7.71
C LYS B 49 26.27 5.63 -7.82
N SER B 50 25.11 6.02 -7.32
CA SER B 50 23.93 5.16 -7.44
C SER B 50 23.46 5.01 -8.87
N THR B 51 23.49 6.09 -9.63
CA THR B 51 23.04 6.03 -11.01
C THR B 51 23.89 5.09 -11.82
N LEU B 52 25.19 5.10 -11.58
CA LEU B 52 26.08 4.23 -12.31
C LEU B 52 25.68 2.79 -12.06
N LEU B 53 25.30 2.47 -10.84
CA LEU B 53 24.88 1.11 -10.51
C LEU B 53 23.54 0.77 -11.17
N LYS B 54 22.62 1.72 -11.20
CA LYS B 54 21.34 1.49 -11.88
C LYS B 54 21.56 1.24 -13.36
N LEU B 55 22.44 2.04 -13.99
CA LEU B 55 22.71 1.84 -15.41
C LEU B 55 23.31 0.47 -15.68
N ILE B 56 24.12 -0.05 -14.75
CA ILE B 56 24.79 -1.33 -15.00
C ILE B 56 23.77 -2.44 -15.20
N CYS B 57 22.71 -2.46 -14.38
CA CYS B 57 21.73 -3.54 -14.40
C CYS B 57 20.45 -3.18 -15.13
N ALA B 58 20.47 -2.10 -15.91
CA ALA B 58 19.39 -1.76 -16.82
C ALA B 58 18.09 -1.38 -16.12
N ILE B 59 18.17 -0.87 -14.89
CA ILE B 59 16.99 -0.28 -14.27
C ILE B 59 16.60 1.00 -14.98
N GLU B 60 17.59 1.79 -15.41
CA GLU B 60 17.39 3.00 -16.19
C GLU B 60 18.30 2.97 -17.39
N ARG B 61 17.81 3.44 -18.52
CA ARG B 61 18.62 3.34 -19.73
C ARG B 61 19.46 4.60 -19.93
N PRO B 62 20.59 4.49 -20.62
CA PRO B 62 21.45 5.65 -20.85
C PRO B 62 20.94 6.46 -22.04
N THR B 63 21.70 7.49 -22.39
CA THR B 63 21.32 8.40 -23.47
C THR B 63 22.39 8.53 -24.56
N ASP B 64 23.66 8.63 -24.18
CA ASP B 64 24.71 8.98 -25.15
C ASP B 64 25.48 7.76 -25.64
N GLY B 65 26.09 7.01 -24.73
CA GLY B 65 27.01 5.95 -25.09
C GLY B 65 26.36 4.59 -25.15
N LYS B 66 27.20 3.55 -25.05
CA LYS B 66 26.78 2.17 -25.11
C LYS B 66 27.40 1.38 -23.98
N ILE B 67 26.69 0.34 -23.55
CA ILE B 67 27.09 -0.52 -22.45
C ILE B 67 27.24 -1.94 -22.97
N SER B 68 28.34 -2.60 -22.61
CA SER B 68 28.61 -3.97 -23.01
C SER B 68 28.81 -4.82 -21.75
N PHE B 69 27.97 -5.84 -21.59
CA PHE B 69 28.08 -6.72 -20.43
C PHE B 69 29.16 -7.78 -20.64
N ASN B 70 28.98 -8.63 -21.64
CA ASN B 70 29.97 -9.63 -22.04
C ASN B 70 30.13 -9.63 -23.56
N GLY B 71 30.26 -8.44 -24.14
CA GLY B 71 30.24 -8.31 -25.57
C GLY B 71 28.86 -8.14 -26.16
N HIS B 72 27.81 -8.25 -25.35
CA HIS B 72 26.44 -8.05 -25.79
C HIS B 72 25.99 -6.64 -25.40
N ASP B 73 25.53 -5.88 -26.39
CA ASP B 73 25.11 -4.52 -26.14
C ASP B 73 23.90 -4.51 -25.20
N ILE B 74 23.97 -3.69 -24.17
CA ILE B 74 22.85 -3.48 -23.25
C ILE B 74 22.25 -2.10 -23.43
N THR B 75 22.70 -1.34 -24.43
CA THR B 75 22.22 0.03 -24.60
C THR B 75 20.73 0.07 -24.83
N ARG B 76 20.22 -0.80 -25.70
CA ARG B 76 18.80 -0.85 -26.06
C ARG B 76 18.27 -2.27 -25.88
N ILE B 77 18.58 -2.88 -24.75
CA ILE B 77 18.07 -4.22 -24.48
C ILE B 77 16.54 -4.18 -24.42
N PRO B 78 15.83 -5.04 -25.15
CA PRO B 78 14.37 -5.03 -25.06
C PRO B 78 13.90 -5.36 -23.66
N ASN B 79 12.77 -4.76 -23.27
CA ASN B 79 12.27 -4.92 -21.91
C ASN B 79 12.00 -6.38 -21.56
N LYS B 80 11.79 -7.24 -22.56
CA LYS B 80 11.51 -8.64 -22.28
C LYS B 80 12.77 -9.40 -21.90
N ASP B 81 13.94 -8.99 -22.37
CA ASP B 81 15.20 -9.66 -22.07
C ASP B 81 15.89 -9.14 -20.84
N ILE B 82 15.35 -8.10 -20.19
CA ILE B 82 15.99 -7.57 -18.98
C ILE B 82 16.11 -8.64 -17.90
N PRO B 83 15.08 -9.43 -17.60
CA PRO B 83 15.21 -10.41 -16.51
C PRO B 83 16.37 -11.38 -16.70
N PHE B 84 16.62 -11.81 -17.94
CA PHE B 84 17.73 -12.73 -18.17
C PHE B 84 19.06 -12.08 -17.83
N LEU B 85 19.21 -10.79 -18.13
CA LEU B 85 20.41 -10.07 -17.72
C LEU B 85 20.49 -9.94 -16.21
N ARG B 86 19.38 -9.53 -15.57
CA ARG B 86 19.41 -9.31 -14.14
C ARG B 86 19.72 -10.59 -13.38
N ARG B 87 19.36 -11.75 -13.93
CA ARG B 87 19.68 -13.00 -13.26
C ARG B 87 21.19 -13.16 -13.07
N ASN B 88 21.99 -12.64 -14.01
CA ASN B 88 23.44 -12.72 -13.87
C ASN B 88 23.95 -11.82 -12.76
N ILE B 89 23.35 -10.64 -12.60
CA ILE B 89 23.84 -9.60 -11.69
C ILE B 89 23.12 -9.75 -10.35
N GLY B 90 23.90 -9.78 -9.27
CA GLY B 90 23.35 -9.73 -7.92
C GLY B 90 23.61 -8.36 -7.31
N ILE B 91 22.62 -7.86 -6.57
CA ILE B 91 22.64 -6.49 -6.07
C ILE B 91 22.46 -6.52 -4.56
N VAL B 92 23.30 -5.76 -3.86
CA VAL B 92 23.19 -5.54 -2.42
C VAL B 92 22.95 -4.06 -2.19
N PHE B 93 21.92 -3.74 -1.42
CA PHE B 93 21.52 -2.36 -1.17
C PHE B 93 21.79 -1.98 0.27
N GLN B 94 21.84 -0.66 0.51
CA GLN B 94 22.11 -0.15 1.85
C GLN B 94 21.00 -0.52 2.82
N ASP B 95 19.75 -0.55 2.35
CA ASP B 95 18.61 -0.80 3.23
C ASP B 95 18.40 -2.28 3.56
N HIS B 96 19.29 -3.15 3.09
CA HIS B 96 19.17 -4.59 3.33
C HIS B 96 17.73 -5.06 3.13
N ARG B 97 17.20 -4.77 1.96
CA ARG B 97 15.81 -5.10 1.65
C ARG B 97 15.50 -6.56 1.95
N LEU B 98 14.62 -6.79 2.91
CA LEU B 98 14.22 -8.14 3.30
C LEU B 98 12.72 -8.15 3.52
N LEU B 99 12.12 -9.32 3.34
CA LEU B 99 10.69 -9.51 3.58
C LEU B 99 10.51 -9.93 5.02
N MET B 100 9.98 -9.02 5.85
CA MET B 100 9.86 -9.29 7.27
C MET B 100 8.89 -10.44 7.54
N ASP B 101 7.90 -10.62 6.68
CA ASP B 101 6.89 -11.65 6.92
C ASP B 101 7.49 -13.05 6.85
N ARG B 102 8.33 -13.32 5.85
CA ARG B 102 8.84 -14.66 5.61
C ARG B 102 10.07 -14.93 6.47
N SER B 103 10.46 -16.20 6.49
CA SER B 103 11.64 -16.62 7.24
C SER B 103 12.91 -16.32 6.45
N ILE B 104 14.05 -16.44 7.13
CA ILE B 104 15.33 -16.20 6.48
C ILE B 104 15.54 -17.19 5.35
N TYR B 105 15.23 -18.47 5.59
CA TYR B 105 15.41 -19.49 4.56
C TYR B 105 14.56 -19.20 3.34
N ASP B 106 13.38 -18.63 3.53
CA ASP B 106 12.54 -18.28 2.38
C ASP B 106 13.11 -17.08 1.63
N ASN B 107 13.59 -16.07 2.34
CA ASN B 107 14.19 -14.92 1.69
C ASN B 107 15.41 -15.31 0.87
N VAL B 108 16.29 -16.14 1.44
CA VAL B 108 17.49 -16.54 0.73
C VAL B 108 17.19 -17.44 -0.45
N ALA B 109 16.02 -18.06 -0.49
CA ALA B 109 15.66 -18.99 -1.55
C ALA B 109 14.80 -18.36 -2.63
N LEU B 110 14.49 -17.07 -2.53
CA LEU B 110 13.64 -16.44 -3.54
C LEU B 110 14.27 -16.45 -4.92
N PRO B 111 15.55 -16.10 -5.10
CA PRO B 111 16.14 -16.16 -6.45
C PRO B 111 16.10 -17.54 -7.07
N MET B 112 16.20 -18.60 -6.25
CA MET B 112 16.15 -19.95 -6.77
C MET B 112 14.74 -20.41 -7.07
N ARG B 113 13.72 -19.72 -6.56
CA ARG B 113 12.33 -20.04 -6.88
C ARG B 113 11.78 -19.19 -8.01
N ILE B 114 12.38 -18.03 -8.28
CA ILE B 114 11.94 -17.24 -9.44
C ILE B 114 12.05 -18.07 -10.70
N GLU B 115 13.15 -18.81 -10.85
CA GLU B 115 13.26 -19.85 -11.87
C GLU B 115 12.99 -21.18 -11.18
N SER B 116 12.01 -21.93 -11.68
CA SER B 116 11.57 -23.14 -11.00
C SER B 116 12.72 -24.13 -10.86
N ILE B 117 12.99 -24.55 -9.62
CA ILE B 117 14.03 -25.52 -9.32
C ILE B 117 13.48 -26.51 -8.30
N SER B 118 14.00 -27.73 -8.36
CA SER B 118 13.56 -28.76 -7.42
C SER B 118 13.87 -28.34 -5.99
N GLU B 119 12.97 -28.67 -5.07
CA GLU B 119 13.09 -28.19 -3.70
C GLU B 119 14.34 -28.73 -3.02
N ASN B 120 14.75 -29.95 -3.33
CA ASN B 120 15.93 -30.51 -2.69
C ASN B 120 17.19 -29.71 -3.02
N GLU B 121 17.35 -29.36 -4.30
CA GLU B 121 18.50 -28.56 -4.70
C GLU B 121 18.45 -27.19 -4.04
N ILE B 122 17.26 -26.58 -3.95
CA ILE B 122 17.12 -25.31 -3.27
C ILE B 122 17.58 -25.44 -1.82
N LYS B 123 17.13 -26.49 -1.13
CA LYS B 123 17.51 -26.69 0.25
C LYS B 123 19.03 -26.79 0.39
N ARG B 124 19.65 -27.65 -0.42
CA ARG B 124 21.10 -27.85 -0.27
C ARG B 124 21.87 -26.57 -0.60
N ARG B 125 21.47 -25.86 -1.65
CA ARG B 125 22.20 -24.66 -2.05
C ARG B 125 22.04 -23.56 -1.02
N VAL B 126 20.83 -23.36 -0.50
CA VAL B 126 20.61 -22.35 0.52
C VAL B 126 21.39 -22.69 1.78
N SER B 127 21.42 -23.97 2.17
CA SER B 127 22.20 -24.37 3.32
C SER B 127 23.67 -24.08 3.11
N ALA B 128 24.20 -24.37 1.91
CA ALA B 128 25.60 -24.08 1.64
C ALA B 128 25.87 -22.58 1.72
N ALA B 129 25.00 -21.76 1.14
CA ALA B 129 25.22 -20.31 1.17
C ALA B 129 25.19 -19.78 2.60
N LEU B 130 24.21 -20.19 3.39
CA LEU B 130 24.12 -19.71 4.76
C LEU B 130 25.29 -20.21 5.61
N ASP B 131 25.77 -21.43 5.35
CA ASP B 131 26.98 -21.89 6.01
C ASP B 131 28.17 -21.02 5.65
N LYS B 132 28.26 -20.64 4.37
CA LYS B 132 29.37 -19.78 3.95
C LYS B 132 29.31 -18.43 4.66
N THR B 133 28.12 -17.87 4.82
CA THR B 133 27.96 -16.60 5.53
C THR B 133 27.81 -16.77 7.03
N GLY B 134 27.75 -18.00 7.54
CA GLY B 134 27.68 -18.22 8.97
C GLY B 134 26.31 -18.09 9.59
N LEU B 135 25.26 -17.93 8.80
CA LEU B 135 23.90 -17.81 9.29
C LEU B 135 23.11 -19.12 9.20
N LEU B 136 23.79 -20.23 8.95
CA LEU B 136 23.10 -21.51 8.81
C LEU B 136 22.27 -21.82 10.06
N ASP B 137 22.79 -21.46 11.24
CA ASP B 137 22.10 -21.82 12.48
C ASP B 137 20.72 -21.18 12.55
N LYS B 138 20.62 -19.90 12.18
CA LYS B 138 19.37 -19.16 12.27
C LYS B 138 18.57 -19.19 10.98
N ALA B 139 18.73 -20.23 10.17
CA ALA B 139 18.07 -20.27 8.87
C ALA B 139 16.55 -20.24 9.00
N ARG B 140 16.01 -20.76 10.09
CA ARG B 140 14.57 -20.89 10.27
C ARG B 140 13.96 -19.73 11.04
N CYS B 141 14.75 -18.73 11.41
CA CYS B 141 14.26 -17.62 12.21
C CYS B 141 13.76 -16.50 11.32
N LEU B 142 12.98 -15.60 11.92
CA LEU B 142 12.47 -14.46 11.18
C LEU B 142 13.51 -13.33 11.13
N PRO B 143 13.46 -12.48 10.11
CA PRO B 143 14.44 -11.38 10.02
C PRO B 143 14.39 -10.44 11.20
N SER B 144 13.22 -10.24 11.81
CA SER B 144 13.10 -9.27 12.89
C SER B 144 13.99 -9.63 14.06
N GLN B 145 14.06 -10.91 14.41
CA GLN B 145 14.86 -11.32 15.56
C GLN B 145 16.36 -11.13 15.33
N LEU B 146 16.78 -11.03 14.08
CA LEU B 146 18.20 -10.83 13.79
C LEU B 146 18.63 -9.41 14.11
N SER B 147 19.93 -9.25 14.35
CA SER B 147 20.52 -7.93 14.50
C SER B 147 20.81 -7.33 13.13
N GLY B 148 21.21 -6.05 13.13
CA GLY B 148 21.42 -5.37 11.86
C GLY B 148 22.48 -6.04 10.99
N GLY B 149 23.62 -6.38 11.60
CA GLY B 149 24.66 -7.04 10.84
C GLY B 149 24.21 -8.38 10.28
N GLU B 150 23.47 -9.13 11.08
CA GLU B 150 22.95 -10.41 10.60
C GLU B 150 21.99 -10.21 9.44
N GLN B 151 21.14 -9.18 9.50
CA GLN B 151 20.24 -8.90 8.39
C GLN B 151 21.03 -8.53 7.13
N GLN B 152 22.07 -7.73 7.27
CA GLN B 152 22.89 -7.39 6.11
C GLN B 152 23.57 -8.63 5.53
N ARG B 153 24.07 -9.51 6.39
CA ARG B 153 24.69 -10.74 5.89
C ARG B 153 23.66 -11.62 5.18
N VAL B 154 22.43 -11.66 5.70
CA VAL B 154 21.37 -12.40 5.02
C VAL B 154 21.11 -11.80 3.64
N GLY B 155 21.11 -10.47 3.55
CA GLY B 155 20.93 -9.83 2.25
C GLY B 155 22.05 -10.19 1.28
N ILE B 156 23.30 -10.19 1.77
CA ILE B 156 24.42 -10.56 0.91
C ILE B 156 24.28 -12.01 0.45
N ALA B 157 23.89 -12.90 1.36
CA ALA B 157 23.70 -14.30 0.99
C ALA B 157 22.62 -14.45 -0.07
N ARG B 158 21.51 -13.72 0.10
CA ARG B 158 20.44 -13.79 -0.89
C ARG B 158 20.91 -13.27 -2.24
N ALA B 159 21.74 -12.22 -2.24
CA ALA B 159 22.27 -11.70 -3.49
C ALA B 159 23.16 -12.72 -4.18
N VAL B 160 24.00 -13.42 -3.41
CA VAL B 160 25.03 -14.28 -3.99
C VAL B 160 24.57 -15.72 -4.19
N VAL B 161 23.37 -16.09 -3.73
CA VAL B 161 22.96 -17.48 -3.77
C VAL B 161 22.91 -18.06 -5.17
N ASN B 162 22.76 -17.22 -6.19
CA ASN B 162 22.49 -17.69 -7.54
C ASN B 162 23.74 -17.71 -8.42
N ARG B 163 24.92 -17.75 -7.81
CA ARG B 163 26.19 -17.78 -8.55
C ARG B 163 26.27 -16.66 -9.59
N PRO B 164 26.06 -15.41 -9.20
CA PRO B 164 26.15 -14.32 -10.17
C PRO B 164 27.57 -14.12 -10.67
N THR B 165 27.68 -13.69 -11.92
CA THR B 165 28.99 -13.37 -12.48
C THR B 165 29.51 -12.04 -11.99
N LEU B 166 28.62 -11.08 -11.74
CA LEU B 166 28.99 -9.75 -11.26
C LEU B 166 28.11 -9.40 -10.07
N LEU B 167 28.73 -8.90 -9.01
CA LEU B 167 28.03 -8.52 -7.78
C LEU B 167 28.18 -7.02 -7.58
N LEU B 168 27.05 -6.33 -7.47
CA LEU B 168 27.01 -4.89 -7.28
C LEU B 168 26.49 -4.59 -5.89
N ALA B 169 27.26 -3.81 -5.12
CA ALA B 169 26.87 -3.41 -3.78
C ALA B 169 26.79 -1.89 -3.74
N ASP B 170 25.66 -1.37 -3.29
CA ASP B 170 25.41 0.07 -3.19
C ASP B 170 25.48 0.45 -1.71
N GLU B 171 26.68 0.82 -1.27
CA GLU B 171 26.93 1.22 0.11
C GLU B 171 26.36 0.18 1.08
N PRO B 172 26.89 -1.04 1.07
CA PRO B 172 26.38 -2.06 2.00
C PRO B 172 26.56 -1.70 3.46
N THR B 173 27.61 -0.93 3.79
CA THR B 173 27.96 -0.63 5.17
C THR B 173 27.42 0.73 5.61
N GLY B 174 26.27 1.13 5.09
CA GLY B 174 25.71 2.43 5.48
C GLY B 174 25.27 2.47 6.93
N ASN B 175 24.66 1.39 7.41
CA ASN B 175 24.01 1.37 8.72
C ASN B 175 24.79 0.55 9.75
N LEU B 176 26.11 0.47 9.62
CA LEU B 176 26.94 -0.29 10.54
C LEU B 176 28.11 0.57 11.00
N ASP B 177 28.51 0.36 12.26
CA ASP B 177 29.66 1.04 12.82
C ASP B 177 30.94 0.46 12.23
N PRO B 178 32.07 1.16 12.39
CA PRO B 178 33.32 0.68 11.77
C PRO B 178 33.70 -0.74 12.16
N GLU B 179 33.32 -1.19 13.35
CA GLU B 179 33.72 -2.52 13.79
C GLU B 179 33.19 -3.60 12.86
N LEU B 180 31.92 -3.51 12.48
CA LEU B 180 31.33 -4.50 11.59
C LEU B 180 31.66 -4.23 10.12
N SER B 181 32.12 -3.02 9.80
CA SER B 181 32.52 -2.71 8.44
C SER B 181 33.66 -3.61 7.98
N SER B 182 34.63 -3.84 8.86
CA SER B 182 35.74 -4.73 8.52
C SER B 182 35.25 -6.14 8.24
N ARG B 183 34.32 -6.64 9.06
CA ARG B 183 33.81 -7.99 8.85
C ARG B 183 33.11 -8.10 7.51
N VAL B 184 32.25 -7.13 7.19
CA VAL B 184 31.53 -7.18 5.93
C VAL B 184 32.48 -7.09 4.75
N LEU B 185 33.48 -6.21 4.84
CA LEU B 185 34.44 -6.08 3.75
C LEU B 185 35.28 -7.33 3.58
N ARG B 186 35.62 -8.01 4.68
CA ARG B 186 36.35 -9.27 4.57
C ARG B 186 35.48 -10.36 3.95
N LEU B 187 34.18 -10.37 4.26
CA LEU B 187 33.28 -11.29 3.57
C LEU B 187 33.27 -11.04 2.07
N PHE B 188 33.20 -9.76 1.68
CA PHE B 188 33.24 -9.43 0.26
C PHE B 188 34.57 -9.87 -0.36
N GLU B 189 35.66 -9.69 0.36
CA GLU B 189 36.96 -10.12 -0.16
C GLU B 189 37.01 -11.64 -0.33
N GLU B 190 36.41 -12.38 0.60
CA GLU B 190 36.32 -13.83 0.42
C GLU B 190 35.56 -14.18 -0.85
N PHE B 191 34.42 -13.52 -1.07
CA PHE B 191 33.67 -13.77 -2.30
C PHE B 191 34.51 -13.44 -3.54
N ASN B 192 35.27 -12.35 -3.48
CA ASN B 192 36.14 -11.99 -4.60
C ASN B 192 37.19 -13.07 -4.84
N ARG B 193 37.76 -13.60 -3.76
CA ARG B 193 38.70 -14.72 -3.89
C ARG B 193 38.03 -15.91 -4.55
N ALA B 194 36.74 -16.13 -4.25
CA ALA B 194 36.04 -17.25 -4.87
C ALA B 194 36.02 -17.13 -6.38
N GLY B 195 36.13 -15.91 -6.91
CA GLY B 195 36.16 -15.70 -8.35
C GLY B 195 35.02 -14.85 -8.86
N VAL B 196 34.24 -14.26 -7.95
CA VAL B 196 33.11 -13.42 -8.31
C VAL B 196 33.58 -11.99 -8.46
N THR B 197 33.39 -11.42 -9.65
CA THR B 197 33.71 -10.02 -9.86
C THR B 197 32.79 -9.15 -9.03
N ILE B 198 33.37 -8.15 -8.35
CA ILE B 198 32.63 -7.29 -7.44
C ILE B 198 32.96 -5.84 -7.76
N LEU B 199 31.93 -4.99 -7.79
CA LEU B 199 32.10 -3.56 -7.95
C LEU B 199 31.39 -2.88 -6.79
N LEU B 200 32.16 -2.51 -5.78
CA LEU B 200 31.63 -1.88 -4.59
C LEU B 200 31.44 -0.39 -4.82
N ALA B 201 30.60 0.23 -4.00
CA ALA B 201 30.29 1.65 -4.12
C ALA B 201 30.18 2.25 -2.73
N THR B 202 31.04 3.23 -2.42
CA THR B 202 31.04 3.84 -1.10
C THR B 202 31.68 5.21 -1.19
N HIS B 203 31.37 6.03 -0.19
CA HIS B 203 31.93 7.37 -0.07
C HIS B 203 32.87 7.51 1.11
N ASP B 204 33.06 6.45 1.90
CA ASP B 204 33.94 6.48 3.06
C ASP B 204 35.38 6.38 2.57
N ILE B 205 36.11 7.49 2.62
CA ILE B 205 37.49 7.49 2.13
C ILE B 205 38.38 6.62 3.02
N HIS B 206 38.10 6.56 4.32
CA HIS B 206 38.95 5.78 5.22
C HIS B 206 38.95 4.30 4.83
N LEU B 207 37.77 3.74 4.56
CA LEU B 207 37.68 2.32 4.26
C LEU B 207 38.46 1.98 3.00
N VAL B 208 38.30 2.77 1.93
CA VAL B 208 39.02 2.49 0.70
C VAL B 208 40.52 2.70 0.90
N ASN B 209 40.90 3.76 1.61
CA ASN B 209 42.32 4.00 1.86
C ASN B 209 42.94 2.89 2.69
N SER B 210 42.12 2.15 3.45
CA SER B 210 42.65 1.05 4.24
C SER B 210 43.29 -0.02 3.36
N ARG B 211 42.65 -0.35 2.25
CA ARG B 211 43.09 -1.45 1.38
C ARG B 211 43.43 -0.91 0.00
N PRO B 212 44.71 -0.73 -0.32
CA PRO B 212 45.09 -0.19 -1.63
C PRO B 212 45.31 -1.23 -2.72
N GLN B 213 45.09 -2.52 -2.44
CA GLN B 213 45.34 -3.54 -3.47
C GLN B 213 44.41 -3.34 -4.66
N TYR B 214 43.15 -3.05 -4.41
CA TYR B 214 42.13 -3.00 -5.45
C TYR B 214 42.12 -1.63 -6.11
N ARG B 215 41.98 -1.63 -7.44
CA ARG B 215 41.95 -0.38 -8.19
C ARG B 215 40.79 0.50 -7.71
N HIS B 216 41.06 1.80 -7.62
CA HIS B 216 40.10 2.78 -7.12
C HIS B 216 39.69 3.72 -8.25
N LEU B 217 38.38 3.87 -8.42
CA LEU B 217 37.82 4.80 -9.39
C LEU B 217 37.09 5.91 -8.64
N GLU B 218 37.45 7.15 -8.92
CA GLU B 218 36.87 8.31 -8.27
C GLU B 218 35.87 8.97 -9.21
N LEU B 219 34.63 9.13 -8.73
CA LEU B 219 33.55 9.73 -9.50
C LEU B 219 33.24 11.10 -8.89
N ASN B 220 33.68 12.15 -9.58
CA ASN B 220 33.56 13.52 -9.07
C ASN B 220 32.69 14.33 -10.04
N GLN B 221 31.51 14.74 -9.57
CA GLN B 221 30.61 15.58 -10.35
C GLN B 221 30.33 14.96 -11.73
N GLY B 222 30.13 13.66 -11.76
CA GLY B 222 29.81 12.97 -12.98
C GLY B 222 30.98 12.62 -13.87
N PHE B 223 32.20 12.98 -13.47
CA PHE B 223 33.40 12.63 -14.22
C PHE B 223 34.20 11.61 -13.43
N LEU B 224 34.80 10.66 -14.15
CA LEU B 224 35.52 9.53 -13.55
C LEU B 224 36.98 9.62 -13.93
N SER B 225 37.83 9.98 -12.96
CA SER B 225 39.27 10.04 -13.22
C SER B 225 39.85 8.65 -13.40
N GLU B 226 39.34 7.67 -12.63
CA GLU B 226 39.86 6.30 -12.68
C GLU B 226 41.31 6.24 -12.22
N VAL B 227 41.64 7.01 -11.21
CA VAL B 227 42.98 7.03 -10.65
C VAL B 227 42.91 7.11 -9.12
N ALA C 27 -1.70 32.57 19.02
CA ALA C 27 -1.67 31.77 17.79
C ALA C 27 -3.07 31.70 17.17
N LYS C 28 -3.24 32.36 16.03
CA LYS C 28 -4.53 32.36 15.35
C LYS C 28 -4.94 30.95 14.99
N THR C 29 -6.19 30.60 15.27
CA THR C 29 -6.72 29.27 14.99
C THR C 29 -8.02 29.41 14.21
N ASP C 30 -8.18 28.56 13.20
CA ASP C 30 -9.39 28.58 12.38
C ASP C 30 -10.59 28.05 13.18
N SER C 31 -11.77 28.46 12.74
CA SER C 31 -13.00 28.09 13.42
C SER C 31 -13.45 26.69 13.01
N PHE C 32 -14.40 26.15 13.78
CA PHE C 32 -14.88 24.79 13.56
C PHE C 32 -15.47 24.64 12.15
N LEU C 33 -16.42 25.50 11.80
CA LEU C 33 -17.05 25.40 10.49
C LEU C 33 -16.07 25.66 9.36
N ALA C 34 -15.12 26.58 9.57
CA ALA C 34 -14.13 26.86 8.53
C ALA C 34 -13.32 25.61 8.20
N ILE C 35 -12.79 24.94 9.24
CA ILE C 35 -11.98 23.75 8.99
C ILE C 35 -12.83 22.64 8.41
N HIS C 36 -14.08 22.49 8.87
CA HIS C 36 -14.92 21.44 8.31
C HIS C 36 -15.22 21.68 6.84
N PHE C 37 -15.54 22.91 6.46
CA PHE C 37 -15.82 23.21 5.05
C PHE C 37 -14.55 23.03 4.21
N LYS C 38 -13.40 23.47 4.72
CA LYS C 38 -12.16 23.24 4.00
C LYS C 38 -11.90 21.76 3.80
N GLN C 39 -12.16 20.95 4.84
CA GLN C 39 -11.97 19.51 4.72
C GLN C 39 -12.89 18.92 3.67
N ALA C 40 -14.15 19.35 3.66
CA ALA C 40 -15.09 18.84 2.66
C ALA C 40 -14.63 19.18 1.25
N LYS C 41 -14.24 20.42 1.01
CA LYS C 41 -13.81 20.82 -0.32
C LYS C 41 -12.55 20.07 -0.72
N ALA C 42 -11.59 19.94 0.20
CA ALA C 42 -10.35 19.25 -0.11
C ALA C 42 -10.60 17.76 -0.39
N SER C 43 -11.49 17.13 0.38
CA SER C 43 -11.79 15.73 0.13
C SER C 43 -12.46 15.55 -1.22
N PHE C 44 -13.38 16.44 -1.59
CA PHE C 44 -13.98 16.35 -2.91
C PHE C 44 -12.92 16.51 -3.99
N ALA C 45 -12.00 17.44 -3.81
CA ALA C 45 -10.92 17.61 -4.78
C ALA C 45 -10.05 16.35 -4.88
N ALA C 46 -9.80 15.70 -3.74
CA ALA C 46 -8.89 14.56 -3.71
C ALA C 46 -9.45 13.35 -4.45
N LEU C 47 -10.78 13.23 -4.55
CA LEU C 47 -11.35 12.07 -5.23
C LEU C 47 -10.83 11.94 -6.65
N TRP C 48 -10.48 13.06 -7.29
CA TRP C 48 -10.04 13.06 -8.67
C TRP C 48 -8.53 12.92 -8.82
N ARG C 49 -7.81 12.66 -7.73
CA ARG C 49 -6.40 12.31 -7.86
C ARG C 49 -6.24 11.02 -8.67
N ARG C 50 -7.07 10.02 -8.39
CA ARG C 50 -7.02 8.72 -9.07
C ARG C 50 -8.35 8.50 -9.78
N PRO C 51 -8.46 8.82 -11.08
CA PRO C 51 -9.75 8.67 -11.76
C PRO C 51 -10.19 7.22 -11.84
N LEU C 52 -9.29 6.33 -12.27
CA LEU C 52 -9.65 4.93 -12.44
C LEU C 52 -10.05 4.29 -11.11
N GLY C 53 -9.31 4.62 -10.04
CA GLY C 53 -9.58 3.99 -8.76
C GLY C 53 -10.94 4.33 -8.20
N ASN C 54 -11.40 5.56 -8.41
CA ASN C 54 -12.59 6.07 -7.75
C ASN C 54 -13.80 6.22 -8.67
N ILE C 55 -13.65 6.04 -9.97
CA ILE C 55 -14.81 6.08 -10.86
C ILE C 55 -15.51 4.72 -10.89
N LEU C 56 -14.73 3.64 -10.87
CA LEU C 56 -15.32 2.31 -10.89
C LEU C 56 -16.17 2.07 -9.63
N THR C 57 -15.67 2.49 -8.48
CA THR C 57 -16.44 2.31 -7.25
C THR C 57 -17.74 3.11 -7.29
N LEU C 58 -17.68 4.34 -7.81
CA LEU C 58 -18.90 5.12 -7.96
C LEU C 58 -19.90 4.42 -8.88
N ALA C 59 -19.41 3.87 -10.00
CA ALA C 59 -20.31 3.18 -10.91
C ALA C 59 -20.94 1.96 -10.25
N VAL C 60 -20.14 1.19 -9.52
CA VAL C 60 -20.66 -0.01 -8.86
C VAL C 60 -21.70 0.37 -7.82
N ILE C 61 -21.41 1.39 -7.01
CA ILE C 61 -22.37 1.83 -6.00
C ILE C 61 -23.65 2.30 -6.67
N SER C 62 -23.53 3.06 -7.76
CA SER C 62 -24.71 3.55 -8.45
C SER C 62 -25.59 2.41 -8.92
N MET C 63 -24.99 1.42 -9.59
CA MET C 63 -25.78 0.29 -10.10
C MET C 63 -26.40 -0.50 -8.95
N ALA C 64 -25.62 -0.78 -7.90
CA ALA C 64 -26.12 -1.59 -6.80
C ALA C 64 -27.27 -0.91 -6.09
N LEU C 65 -27.19 0.41 -5.90
CA LEU C 65 -28.27 1.13 -5.24
C LEU C 65 -29.45 1.37 -6.17
N ALA C 66 -29.22 1.38 -7.48
CA ALA C 66 -30.32 1.61 -8.43
C ALA C 66 -31.17 0.35 -8.57
N LEU C 67 -30.56 -0.82 -8.52
CA LEU C 67 -31.32 -2.06 -8.68
C LEU C 67 -32.52 -2.12 -7.73
N PRO C 68 -32.31 -2.03 -6.42
CA PRO C 68 -33.46 -2.10 -5.51
C PRO C 68 -34.45 -0.99 -5.73
N ALA C 69 -33.99 0.19 -6.15
CA ALA C 69 -34.93 1.27 -6.47
C ALA C 69 -35.86 0.86 -7.61
N SER C 70 -35.32 0.23 -8.65
CA SER C 70 -36.17 -0.22 -9.75
C SER C 70 -37.11 -1.33 -9.30
N LEU C 71 -36.63 -2.25 -8.45
CA LEU C 71 -37.52 -3.28 -7.94
C LEU C 71 -38.69 -2.66 -7.18
N TYR C 72 -38.39 -1.69 -6.31
CA TYR C 72 -39.45 -1.00 -5.57
C TYR C 72 -40.38 -0.26 -6.52
N LEU C 73 -39.83 0.33 -7.57
CA LEU C 73 -40.67 1.05 -8.53
C LEU C 73 -41.67 0.12 -9.20
N LEU C 74 -41.20 -1.04 -9.65
CA LEU C 74 -42.11 -2.01 -10.26
C LEU C 74 -43.15 -2.49 -9.26
N SER C 75 -42.73 -2.76 -8.01
CA SER C 75 -43.69 -3.19 -7.01
C SER C 75 -44.76 -2.12 -6.79
N LYS C 76 -44.33 -0.85 -6.72
CA LYS C 76 -45.28 0.24 -6.53
C LYS C 76 -46.25 0.34 -7.69
N ASN C 77 -45.75 0.20 -8.93
CA ASN C 77 -46.64 0.28 -10.09
C ASN C 77 -47.68 -0.84 -10.07
N ILE C 78 -47.24 -2.07 -9.79
CA ILE C 78 -48.20 -3.18 -9.80
C ILE C 78 -49.19 -3.03 -8.65
N ALA C 79 -48.74 -2.53 -7.49
CA ALA C 79 -49.67 -2.30 -6.39
C ALA C 79 -50.69 -1.24 -6.75
N SER C 80 -50.26 -0.16 -7.40
CA SER C 80 -51.20 0.87 -7.83
C SER C 80 -52.21 0.30 -8.81
N VAL C 81 -51.76 -0.54 -9.74
CA VAL C 81 -52.68 -1.17 -10.69
C VAL C 81 -53.70 -2.02 -9.93
N ALA C 82 -53.22 -2.84 -8.99
CA ALA C 82 -54.12 -3.73 -8.26
C ALA C 82 -55.16 -2.95 -7.48
N GLU C 83 -54.74 -1.90 -6.77
CA GLU C 83 -55.68 -1.10 -6.00
C GLU C 83 -56.67 -0.39 -6.92
N ARG C 84 -56.19 0.11 -8.06
CA ARG C 84 -57.07 0.83 -8.98
C ARG C 84 -58.19 -0.05 -9.49
N VAL C 85 -57.89 -1.31 -9.79
CA VAL C 85 -58.90 -2.24 -10.27
C VAL C 85 -60.04 -2.35 -9.25
N ASP C 187 -63.61 -13.43 -1.92
CA ASP C 187 -62.76 -14.48 -2.49
C ASP C 187 -61.61 -13.87 -3.28
N TRP C 188 -61.94 -13.02 -4.25
CA TRP C 188 -60.91 -12.38 -5.05
C TRP C 188 -60.03 -11.48 -4.19
N PHE C 189 -60.65 -10.74 -3.27
CA PHE C 189 -59.88 -9.84 -2.40
C PHE C 189 -58.89 -10.61 -1.54
N ALA C 190 -59.32 -11.75 -0.98
CA ALA C 190 -58.44 -12.51 -0.10
C ALA C 190 -57.18 -12.97 -0.83
N ARG C 191 -57.33 -13.46 -2.05
CA ARG C 191 -56.17 -13.93 -2.81
C ARG C 191 -55.24 -12.78 -3.19
N LEU C 192 -55.79 -11.59 -3.42
CA LEU C 192 -54.97 -10.47 -3.85
C LEU C 192 -53.94 -10.08 -2.79
N ASP C 193 -54.33 -10.12 -1.52
CA ASP C 193 -53.42 -9.70 -0.45
C ASP C 193 -52.19 -10.60 -0.39
N ALA C 194 -52.38 -11.91 -0.59
CA ALA C 194 -51.25 -12.83 -0.51
C ALA C 194 -50.21 -12.52 -1.57
N ILE C 195 -50.66 -12.20 -2.79
CA ILE C 195 -49.73 -11.84 -3.85
C ILE C 195 -48.91 -10.62 -3.46
N ARG C 196 -49.58 -9.62 -2.86
CA ARG C 196 -48.87 -8.44 -2.39
C ARG C 196 -47.83 -8.80 -1.34
N HIS C 197 -48.18 -9.71 -0.43
CA HIS C 197 -47.22 -10.14 0.60
C HIS C 197 -46.01 -10.80 -0.03
N LEU C 198 -46.23 -11.69 -1.01
CA LEU C 198 -45.12 -12.34 -1.68
C LEU C 198 -44.23 -11.33 -2.38
N ALA C 199 -44.83 -10.37 -3.09
CA ALA C 199 -44.05 -9.34 -3.76
C ALA C 199 -43.23 -8.53 -2.77
N THR C 200 -43.85 -8.16 -1.65
CA THR C 200 -43.12 -7.41 -0.62
C THR C 200 -41.95 -8.20 -0.09
N ILE C 201 -42.14 -9.50 0.16
CA ILE C 201 -41.05 -10.31 0.68
C ILE C 201 -39.90 -10.38 -0.33
N VAL C 202 -40.22 -10.60 -1.60
CA VAL C 202 -39.17 -10.69 -2.63
C VAL C 202 -38.40 -9.37 -2.71
N VAL C 203 -39.12 -8.26 -2.79
CA VAL C 203 -38.48 -6.96 -2.92
C VAL C 203 -37.62 -6.67 -1.70
N ILE C 204 -38.11 -7.00 -0.51
CA ILE C 204 -37.35 -6.73 0.71
C ILE C 204 -36.08 -7.57 0.75
N SER C 205 -36.17 -8.84 0.33
CA SER C 205 -34.97 -9.68 0.31
C SER C 205 -33.92 -9.09 -0.62
N LEU C 206 -34.31 -8.74 -1.85
CA LEU C 206 -33.34 -8.20 -2.78
C LEU C 206 -32.79 -6.85 -2.31
N SER C 207 -33.64 -6.02 -1.73
CA SER C 207 -33.18 -4.74 -1.20
C SER C 207 -32.16 -4.95 -0.09
N SER C 208 -32.42 -5.89 0.81
CA SER C 208 -31.46 -6.18 1.88
C SER C 208 -30.14 -6.62 1.28
N LEU C 209 -30.17 -7.51 0.30
CA LEU C 209 -28.93 -7.96 -0.33
C LEU C 209 -28.16 -6.77 -0.89
N MET C 210 -28.81 -5.94 -1.70
CA MET C 210 -28.10 -4.87 -2.38
C MET C 210 -27.59 -3.84 -1.38
N LEU C 211 -28.40 -3.48 -0.37
CA LEU C 211 -27.94 -2.52 0.62
C LEU C 211 -26.74 -3.06 1.40
N MET C 212 -26.75 -4.35 1.72
CA MET C 212 -25.57 -4.95 2.34
C MET C 212 -24.37 -4.85 1.42
N SER C 213 -24.57 -5.06 0.12
CA SER C 213 -23.46 -5.01 -0.83
C SER C 213 -22.83 -3.62 -0.86
N VAL C 214 -23.65 -2.57 -0.83
CA VAL C 214 -23.12 -1.20 -0.90
C VAL C 214 -22.24 -0.92 0.31
N PHE C 215 -22.65 -1.42 1.48
CA PHE C 215 -21.90 -1.17 2.70
C PHE C 215 -20.48 -1.71 2.61
N LEU C 216 -20.32 -2.93 2.08
CA LEU C 216 -19.02 -3.56 2.06
C LEU C 216 -18.08 -2.90 1.06
N ILE C 217 -18.57 -2.61 -0.15
CA ILE C 217 -17.69 -2.07 -1.19
C ILE C 217 -17.10 -0.73 -0.76
N VAL C 218 -17.89 0.09 -0.07
CA VAL C 218 -17.37 1.38 0.38
C VAL C 218 -16.22 1.17 1.35
N GLY C 219 -16.34 0.21 2.25
CA GLY C 219 -15.27 -0.05 3.20
C GLY C 219 -13.98 -0.47 2.52
N ASN C 220 -14.09 -1.32 1.49
CA ASN C 220 -12.90 -1.78 0.78
C ASN C 220 -12.16 -0.63 0.11
N THR C 221 -12.91 0.27 -0.54
CA THR C 221 -12.25 1.39 -1.22
C THR C 221 -11.52 2.28 -0.23
N LEU C 222 -12.13 2.53 0.93
CA LEU C 222 -11.48 3.36 1.93
C LEU C 222 -10.29 2.66 2.57
N ARG C 223 -10.36 1.34 2.75
CA ARG C 223 -9.18 0.62 3.23
C ARG C 223 -8.04 0.72 2.22
N PHE C 224 -8.35 0.58 0.94
CA PHE C 224 -7.32 0.75 -0.09
C PHE C 224 -6.75 2.17 -0.05
N ASN C 225 -7.61 3.18 0.11
CA ASN C 225 -7.11 4.54 0.18
C ASN C 225 -6.20 4.75 1.39
N VAL C 226 -6.59 4.21 2.54
CA VAL C 226 -5.75 4.36 3.74
C VAL C 226 -4.41 3.69 3.53
N GLN C 227 -4.41 2.48 2.98
CA GLN C 227 -3.14 1.81 2.72
C GLN C 227 -2.32 2.56 1.68
N ALA C 228 -2.98 3.32 0.80
CA ALA C 228 -2.25 4.12 -0.17
C ALA C 228 -1.54 5.28 0.51
N ASN C 229 -2.15 5.86 1.55
CA ASN C 229 -1.59 6.99 2.27
C ASN C 229 -0.85 6.55 3.54
N LYS C 230 -0.20 5.40 3.49
CA LYS C 230 0.48 4.88 4.68
C LYS C 230 1.54 5.86 5.17
N GLU C 231 2.41 6.32 4.27
CA GLU C 231 3.51 7.19 4.69
C GLU C 231 3.00 8.51 5.23
N GLU C 232 1.98 9.09 4.58
CA GLU C 232 1.44 10.36 5.06
C GLU C 232 0.88 10.23 6.46
N ILE C 233 0.14 9.15 6.73
CA ILE C 233 -0.42 8.96 8.06
C ILE C 233 0.69 8.70 9.08
N GLN C 234 1.72 7.95 8.68
CA GLN C 234 2.85 7.74 9.58
C GLN C 234 3.48 9.06 9.99
N THR C 235 3.80 9.90 9.01
CA THR C 235 4.41 11.19 9.33
C THR C 235 3.48 12.07 10.15
N MET C 236 2.19 12.06 9.82
CA MET C 236 1.23 12.89 10.54
C MET C 236 1.13 12.47 12.00
N LYS C 237 1.07 11.17 12.26
CA LYS C 237 1.01 10.70 13.64
C LYS C 237 2.31 11.00 14.37
N LEU C 238 3.45 10.87 13.68
CA LEU C 238 4.74 11.12 14.33
C LEU C 238 4.84 12.55 14.82
N ILE C 239 4.27 13.50 14.08
CA ILE C 239 4.41 14.91 14.42
C ILE C 239 3.51 15.31 15.57
N GLY C 240 2.48 14.54 15.89
CA GLY C 240 1.62 14.84 17.02
C GLY C 240 0.21 15.24 16.63
N ALA C 241 -0.29 14.73 15.51
CA ALA C 241 -1.65 15.03 15.09
C ALA C 241 -2.64 14.11 15.79
N THR C 242 -3.75 14.68 16.22
CA THR C 242 -4.80 13.89 16.86
C THR C 242 -5.45 12.96 15.84
N ASP C 243 -6.06 11.89 16.35
CA ASP C 243 -6.64 10.88 15.47
C ASP C 243 -7.80 11.47 14.66
N ALA C 244 -8.57 12.37 15.27
CA ALA C 244 -9.72 12.95 14.57
C ALA C 244 -9.28 13.68 13.31
N TYR C 245 -8.16 14.40 13.38
CA TYR C 245 -7.66 15.08 12.19
C TYR C 245 -7.30 14.07 11.10
N ILE C 246 -6.71 12.95 11.49
CA ILE C 246 -6.37 11.92 10.51
C ILE C 246 -7.63 11.34 9.90
N LEU C 247 -8.71 11.23 10.67
CA LEU C 247 -9.88 10.48 10.26
C LEU C 247 -10.90 11.29 9.46
N ARG C 248 -11.07 12.57 9.76
CA ARG C 248 -12.16 13.32 9.13
C ARG C 248 -12.15 13.27 7.60
N PRO C 249 -11.02 13.44 6.93
CA PRO C 249 -11.06 13.42 5.45
C PRO C 249 -11.67 12.14 4.90
N TYR C 250 -11.43 11.00 5.54
CA TYR C 250 -12.00 9.75 5.04
C TYR C 250 -13.50 9.70 5.27
N LEU C 251 -13.98 10.24 6.38
CA LEU C 251 -15.42 10.35 6.59
C LEU C 251 -16.06 11.16 5.47
N TYR C 252 -15.46 12.31 5.15
CA TYR C 252 -16.06 13.13 4.10
C TYR C 252 -15.94 12.49 2.72
N SER C 253 -14.85 11.75 2.48
CA SER C 253 -14.75 11.02 1.22
C SER C 253 -15.85 9.97 1.11
N GLY C 254 -16.12 9.25 2.20
CA GLY C 254 -17.21 8.29 2.18
C GLY C 254 -18.55 8.95 1.96
N MET C 255 -18.78 10.11 2.58
CA MET C 255 -20.03 10.83 2.37
C MET C 255 -20.19 11.25 0.92
N TRP C 256 -19.11 11.74 0.30
CA TRP C 256 -19.18 12.10 -1.11
C TRP C 256 -19.46 10.87 -1.98
N PHE C 257 -18.81 9.75 -1.68
CA PHE C 257 -19.11 8.51 -2.40
C PHE C 257 -20.59 8.20 -2.33
N GLY C 258 -21.16 8.24 -1.12
CA GLY C 258 -22.56 7.91 -0.97
C GLY C 258 -23.47 8.86 -1.73
N LEU C 259 -23.19 10.17 -1.66
CA LEU C 259 -24.05 11.14 -2.32
C LEU C 259 -24.00 10.98 -3.83
N LEU C 260 -22.79 10.87 -4.40
CA LEU C 260 -22.68 10.70 -5.84
C LEU C 260 -23.31 9.38 -6.29
N GLY C 261 -23.13 8.31 -5.52
CA GLY C 261 -23.77 7.07 -5.86
C GLY C 261 -25.27 7.17 -5.86
N ALA C 262 -25.83 7.87 -4.88
CA ALA C 262 -27.28 8.04 -4.83
C ALA C 262 -27.79 8.82 -6.05
N VAL C 263 -27.09 9.90 -6.41
CA VAL C 263 -27.51 10.69 -7.56
C VAL C 263 -27.45 9.85 -8.84
N ALA C 264 -26.35 9.11 -9.03
CA ALA C 264 -26.23 8.27 -10.21
C ALA C 264 -27.31 7.20 -10.24
N ALA C 265 -27.63 6.62 -9.08
CA ALA C 265 -28.68 5.61 -9.02
C ALA C 265 -30.03 6.20 -9.40
N TRP C 266 -30.32 7.43 -8.94
CA TRP C 266 -31.58 8.06 -9.31
C TRP C 266 -31.65 8.27 -10.82
N LEU C 267 -30.55 8.75 -11.42
CA LEU C 267 -30.54 8.93 -12.86
C LEU C 267 -30.74 7.60 -13.59
N LEU C 268 -30.10 6.55 -13.09
CA LEU C 268 -30.23 5.24 -13.74
C LEU C 268 -31.66 4.73 -13.66
N THR C 269 -32.31 4.91 -12.51
CA THR C 269 -33.71 4.49 -12.38
C THR C 269 -34.61 5.28 -13.32
N ALA C 270 -34.35 6.59 -13.46
CA ALA C 270 -35.13 7.38 -14.40
C ALA C 270 -34.96 6.86 -15.82
N LEU C 271 -33.72 6.56 -16.20
CA LEU C 271 -33.48 6.02 -17.54
C LEU C 271 -34.18 4.68 -17.72
N MET C 272 -34.16 3.84 -16.70
CA MET C 272 -34.81 2.53 -16.79
C MET C 272 -36.32 2.70 -16.97
N THR C 273 -36.93 3.64 -16.25
CA THR C 273 -38.34 3.92 -16.44
C THR C 273 -38.63 4.39 -17.86
N ILE C 274 -37.79 5.28 -18.38
CA ILE C 274 -37.97 5.75 -19.76
C ILE C 274 -37.89 4.57 -20.72
N LEU C 275 -36.97 3.65 -20.47
CA LEU C 275 -36.84 2.47 -21.34
C LEU C 275 -38.08 1.60 -21.26
N LEU C 276 -38.60 1.37 -20.04
CA LEU C 276 -39.72 0.47 -19.86
C LEU C 276 -41.01 1.02 -20.46
N ASN C 277 -41.18 2.35 -20.44
CA ASN C 277 -42.45 2.92 -20.91
C ASN C 277 -42.80 2.43 -22.31
N GLY C 278 -41.79 2.24 -23.16
CA GLY C 278 -42.07 1.80 -24.52
C GLY C 278 -42.72 0.43 -24.55
N ALA C 279 -42.18 -0.52 -23.80
CA ALA C 279 -42.78 -1.84 -23.74
C ALA C 279 -44.14 -1.80 -23.06
N VAL C 280 -44.27 -1.00 -22.00
CA VAL C 280 -45.54 -0.94 -21.27
C VAL C 280 -46.64 -0.38 -22.15
N GLU C 281 -46.31 0.53 -23.06
CA GLU C 281 -47.32 1.12 -23.93
C GLU C 281 -48.03 0.04 -24.75
N ALA C 282 -47.27 -0.91 -25.30
CA ALA C 282 -47.88 -1.96 -26.10
C ALA C 282 -48.86 -2.79 -25.29
N LEU C 283 -48.48 -3.16 -24.07
CA LEU C 283 -49.39 -3.91 -23.21
C LEU C 283 -50.63 -3.08 -22.87
N ALA C 284 -50.44 -1.81 -22.53
CA ALA C 284 -51.57 -0.97 -22.18
C ALA C 284 -52.51 -0.80 -23.36
N GLN C 285 -51.95 -0.58 -24.56
CA GLN C 285 -52.78 -0.45 -25.75
C GLN C 285 -53.59 -1.71 -26.00
N LEU C 286 -52.93 -2.88 -25.91
CA LEU C 286 -53.62 -4.13 -26.20
C LEU C 286 -54.73 -4.41 -25.20
N TYR C 287 -54.59 -3.92 -23.96
CA TYR C 287 -55.61 -4.06 -22.94
C TYR C 287 -56.65 -2.94 -22.98
N ASP C 288 -56.51 -2.00 -23.92
CA ASP C 288 -57.44 -0.87 -24.03
C ASP C 288 -57.40 -0.03 -22.76
N SER C 289 -56.20 0.28 -22.30
CA SER C 289 -55.96 1.05 -21.09
C SER C 289 -55.08 2.25 -21.39
N ARG C 290 -55.09 3.20 -20.46
CA ARG C 290 -54.25 4.40 -20.52
C ARG C 290 -53.14 4.38 -19.48
N PHE C 291 -52.71 3.17 -19.09
CA PHE C 291 -51.73 3.04 -18.02
C PHE C 291 -50.41 3.68 -18.43
N ARG C 292 -49.75 4.32 -17.46
CA ARG C 292 -48.46 4.96 -17.66
C ARG C 292 -47.60 4.74 -16.44
N LEU C 293 -46.32 4.44 -16.67
CA LEU C 293 -45.39 4.28 -15.56
C LEU C 293 -45.24 5.61 -14.81
N ILE C 294 -45.13 5.53 -13.49
CA ILE C 294 -44.96 6.68 -12.63
C ILE C 294 -43.59 6.58 -11.96
N GLY C 295 -42.80 7.65 -12.07
CA GLY C 295 -41.46 7.67 -11.53
C GLY C 295 -41.44 7.86 -10.03
N LEU C 296 -40.24 7.80 -9.47
CA LEU C 296 -40.06 7.98 -8.04
C LEU C 296 -40.57 9.35 -7.61
N GLY C 297 -41.30 9.38 -6.50
CA GLY C 297 -41.78 10.64 -5.97
C GLY C 297 -40.64 11.51 -5.47
N TRP C 298 -40.88 12.83 -5.46
CA TRP C 298 -39.85 13.76 -5.01
C TRP C 298 -39.52 13.56 -3.54
N ASP C 299 -40.47 13.04 -2.76
CA ASP C 299 -40.17 12.73 -1.36
C ASP C 299 -39.32 11.47 -1.25
N GLU C 300 -39.48 10.52 -2.18
CA GLU C 300 -38.68 9.31 -2.15
C GLU C 300 -37.23 9.58 -2.54
N SER C 301 -37.00 10.56 -3.43
CA SER C 301 -35.63 10.88 -3.82
C SER C 301 -34.83 11.37 -2.63
N LEU C 302 -35.44 12.18 -1.76
CA LEU C 302 -34.75 12.62 -0.57
C LEU C 302 -34.37 11.44 0.32
N LEU C 303 -35.25 10.46 0.46
CA LEU C 303 -34.94 9.29 1.25
C LEU C 303 -33.81 8.49 0.61
N LEU C 304 -33.80 8.39 -0.72
CA LEU C 304 -32.72 7.69 -1.39
C LEU C 304 -31.39 8.37 -1.14
N LEU C 305 -31.35 9.70 -1.27
CA LEU C 305 -30.10 10.42 -1.01
C LEU C 305 -29.68 10.26 0.45
N MET C 306 -30.64 10.31 1.37
CA MET C 306 -30.30 10.14 2.78
C MET C 306 -29.71 8.77 3.03
N LEU C 307 -30.28 7.72 2.42
CA LEU C 307 -29.73 6.38 2.59
C LEU C 307 -28.33 6.29 2.00
N GLY C 308 -28.11 6.88 0.83
CA GLY C 308 -26.78 6.85 0.23
C GLY C 308 -25.75 7.50 1.11
N VAL C 309 -26.03 8.70 1.61
CA VAL C 309 -25.07 9.38 2.47
C VAL C 309 -24.91 8.64 3.79
N PHE C 310 -25.98 8.05 4.31
CA PHE C 310 -25.90 7.30 5.56
C PHE C 310 -24.94 6.13 5.42
N LEU C 311 -25.07 5.36 4.32
CA LEU C 311 -24.14 4.27 4.10
C LEU C 311 -22.72 4.79 3.90
N GLY C 312 -22.55 5.81 3.06
CA GLY C 312 -21.23 6.33 2.80
C GLY C 312 -20.53 6.85 4.04
N CYS C 313 -21.30 7.28 5.04
CA CYS C 313 -20.73 7.75 6.29
C CYS C 313 -20.48 6.62 7.28
N VAL C 314 -21.45 5.73 7.45
CA VAL C 314 -21.33 4.68 8.47
C VAL C 314 -20.24 3.69 8.09
N ALA C 315 -20.26 3.22 6.84
CA ALA C 315 -19.22 2.29 6.42
C ALA C 315 -17.85 2.92 6.54
N ALA C 316 -17.72 4.17 6.12
CA ALA C 316 -16.43 4.85 6.23
C ALA C 316 -15.98 4.93 7.67
N LYS C 317 -16.86 5.39 8.57
CA LYS C 317 -16.49 5.50 9.97
C LYS C 317 -16.03 4.16 10.52
N VAL C 318 -16.85 3.11 10.36
CA VAL C 318 -16.52 1.83 10.96
C VAL C 318 -15.19 1.30 10.42
N SER C 319 -15.07 1.23 9.10
CA SER C 319 -13.89 0.61 8.51
C SER C 319 -12.64 1.43 8.80
N ALA C 320 -12.71 2.75 8.60
CA ALA C 320 -11.54 3.59 8.83
C ALA C 320 -11.11 3.57 10.29
N LYS C 321 -12.06 3.67 11.22
CA LYS C 321 -11.70 3.65 12.62
C LYS C 321 -11.05 2.33 13.00
N ARG C 322 -11.60 1.21 12.53
CA ARG C 322 -11.03 -0.08 12.91
C ARG C 322 -9.66 -0.29 12.27
N HIS C 323 -9.45 0.24 11.06
CA HIS C 323 -8.20 -0.03 10.35
C HIS C 323 -7.09 0.95 10.72
N LEU C 324 -7.42 2.18 11.13
CA LEU C 324 -6.40 3.18 11.38
C LEU C 324 -5.61 2.87 12.64
N LYS C 325 -6.21 2.14 13.58
CA LYS C 325 -5.50 1.82 14.82
C LYS C 325 -4.24 1.02 14.54
N GLU C 326 -4.30 0.08 13.61
CA GLU C 326 -3.16 -0.79 13.31
C GLU C 326 -2.25 -0.18 12.25
N ILE C 327 -1.84 1.07 12.47
CA ILE C 327 -0.79 1.71 11.68
C ILE C 327 0.12 2.45 12.64
N GLU C 328 1.42 2.18 12.56
CA GLU C 328 2.36 2.75 13.52
C GLU C 328 3.10 3.92 12.90
N PRO C 329 3.49 4.91 13.72
CA PRO C 329 4.24 6.05 13.15
C PRO C 329 5.54 5.65 12.50
N VAL C 330 6.20 4.62 12.99
CA VAL C 330 7.45 4.14 12.40
C VAL C 330 7.54 2.62 12.54
N ALA D 27 20.53 -28.20 -14.25
CA ALA D 27 19.63 -27.63 -13.26
C ALA D 27 18.21 -28.16 -13.44
N LYS D 28 17.78 -29.01 -12.51
CA LYS D 28 16.44 -29.57 -12.59
C LYS D 28 15.39 -28.47 -12.52
N THR D 29 14.41 -28.54 -13.42
CA THR D 29 13.34 -27.55 -13.49
C THR D 29 11.99 -28.26 -13.46
N ASP D 30 11.05 -27.68 -12.73
CA ASP D 30 9.72 -28.27 -12.62
C ASP D 30 8.98 -28.21 -13.94
N SER D 31 8.04 -29.13 -14.12
CA SER D 31 7.26 -29.22 -15.34
C SER D 31 6.16 -28.16 -15.36
N PHE D 32 5.60 -27.95 -16.56
CA PHE D 32 4.58 -26.92 -16.74
C PHE D 32 3.37 -27.17 -15.86
N LEU D 33 2.80 -28.38 -15.94
CA LEU D 33 1.63 -28.70 -15.15
C LEU D 33 1.94 -28.67 -13.66
N ALA D 34 3.14 -29.12 -13.27
CA ALA D 34 3.52 -29.10 -11.87
C ALA D 34 3.51 -27.68 -11.32
N ILE D 35 4.16 -26.75 -12.03
CA ILE D 35 4.21 -25.37 -11.55
C ILE D 35 2.83 -24.75 -11.54
N HIS D 36 2.02 -25.03 -12.56
CA HIS D 36 0.67 -24.46 -12.59
C HIS D 36 -0.17 -24.97 -11.42
N PHE D 37 -0.11 -26.27 -11.14
CA PHE D 37 -0.86 -26.82 -10.01
C PHE D 37 -0.38 -26.24 -8.70
N LYS D 38 0.94 -26.12 -8.52
CA LYS D 38 1.47 -25.54 -7.30
C LYS D 38 1.01 -24.09 -7.16
N GLN D 39 1.01 -23.34 -8.26
CA GLN D 39 0.57 -21.95 -8.21
C GLN D 39 -0.90 -21.86 -7.82
N ALA D 40 -1.74 -22.72 -8.39
CA ALA D 40 -3.15 -22.70 -8.03
C ALA D 40 -3.34 -23.01 -6.55
N LYS D 41 -2.66 -24.05 -6.05
CA LYS D 41 -2.78 -24.41 -4.65
C LYS D 41 -2.32 -23.27 -3.74
N ALA D 42 -1.18 -22.66 -4.07
CA ALA D 42 -0.64 -21.61 -3.22
C ALA D 42 -1.50 -20.35 -3.27
N SER D 43 -2.05 -20.02 -4.45
CA SER D 43 -2.91 -18.85 -4.55
C SER D 43 -4.21 -19.07 -3.78
N PHE D 44 -4.76 -20.29 -3.83
CA PHE D 44 -5.93 -20.58 -3.01
C PHE D 44 -5.60 -20.43 -1.54
N ALA D 45 -4.43 -20.92 -1.11
CA ALA D 45 -4.02 -20.73 0.27
C ALA D 45 -3.86 -19.26 0.61
N ALA D 46 -3.47 -18.44 -0.37
CA ALA D 46 -3.22 -17.03 -0.10
C ALA D 46 -4.48 -16.27 0.28
N LEU D 47 -5.63 -16.67 -0.27
CA LEU D 47 -6.87 -15.94 0.02
C LEU D 47 -7.15 -15.88 1.51
N TRP D 48 -6.72 -16.89 2.26
CA TRP D 48 -6.97 -16.94 3.71
C TRP D 48 -5.92 -16.19 4.51
N ARG D 49 -4.98 -15.51 3.86
CA ARG D 49 -4.09 -14.61 4.59
C ARG D 49 -4.88 -13.50 5.29
N ARG D 50 -5.84 -12.92 4.58
CA ARG D 50 -6.65 -11.81 5.09
C ARG D 50 -8.12 -12.21 5.06
N PRO D 51 -8.68 -12.72 6.15
CA PRO D 51 -10.08 -13.15 6.11
C PRO D 51 -11.04 -12.00 5.85
N LEU D 52 -10.90 -10.90 6.60
CA LEU D 52 -11.79 -9.76 6.39
C LEU D 52 -11.63 -9.16 5.01
N GLY D 53 -10.40 -9.16 4.49
CA GLY D 53 -10.15 -8.54 3.20
C GLY D 53 -10.83 -9.26 2.04
N ASN D 54 -10.84 -10.59 2.09
CA ASN D 54 -11.28 -11.40 0.95
C ASN D 54 -12.57 -12.18 1.19
N ILE D 55 -13.18 -12.07 2.36
CA ILE D 55 -14.49 -12.68 2.57
C ILE D 55 -15.61 -11.73 2.17
N LEU D 56 -15.44 -10.45 2.44
CA LEU D 56 -16.45 -9.47 2.06
C LEU D 56 -16.62 -9.42 0.54
N THR D 57 -15.51 -9.44 -0.19
CA THR D 57 -15.59 -9.42 -1.65
C THR D 57 -16.30 -10.66 -2.18
N LEU D 58 -16.03 -11.82 -1.59
CA LEU D 58 -16.72 -13.04 -2.00
C LEU D 58 -18.21 -12.94 -1.73
N ALA D 59 -18.59 -12.38 -0.57
CA ALA D 59 -20.00 -12.21 -0.27
C ALA D 59 -20.67 -11.28 -1.28
N VAL D 60 -20.01 -10.16 -1.60
CA VAL D 60 -20.59 -9.21 -2.53
C VAL D 60 -20.76 -9.85 -3.90
N ILE D 61 -19.74 -10.57 -4.37
CA ILE D 61 -19.84 -11.24 -5.67
C ILE D 61 -20.95 -12.28 -5.64
N SER D 62 -21.06 -13.02 -4.54
CA SER D 62 -22.10 -14.03 -4.44
C SER D 62 -23.48 -13.40 -4.61
N MET D 63 -23.75 -12.32 -3.88
CA MET D 63 -25.07 -11.69 -3.99
C MET D 63 -25.29 -11.09 -5.39
N ALA D 64 -24.27 -10.42 -5.93
CA ALA D 64 -24.42 -9.77 -7.23
C ALA D 64 -24.72 -10.79 -8.31
N LEU D 65 -24.00 -11.91 -8.32
CA LEU D 65 -24.26 -12.95 -9.30
C LEU D 65 -25.48 -13.79 -8.93
N ALA D 66 -25.96 -13.69 -7.69
CA ALA D 66 -27.18 -14.37 -7.31
C ALA D 66 -28.42 -13.69 -7.88
N LEU D 67 -28.41 -12.36 -7.98
CA LEU D 67 -29.59 -11.70 -8.52
C LEU D 67 -29.94 -12.22 -9.91
N PRO D 68 -29.02 -12.28 -10.88
CA PRO D 68 -29.41 -12.81 -12.20
C PRO D 68 -30.01 -14.20 -12.14
N ALA D 69 -29.43 -15.10 -11.35
CA ALA D 69 -29.95 -16.46 -11.27
C ALA D 69 -31.35 -16.49 -10.68
N SER D 70 -31.58 -15.73 -9.60
CA SER D 70 -32.90 -15.71 -8.99
C SER D 70 -33.94 -15.11 -9.92
N LEU D 71 -33.58 -14.03 -10.62
CA LEU D 71 -34.51 -13.44 -11.58
C LEU D 71 -34.84 -14.42 -12.70
N TYR D 72 -33.83 -15.12 -13.21
CA TYR D 72 -34.08 -16.13 -14.23
C TYR D 72 -34.99 -17.23 -13.68
N LEU D 73 -34.78 -17.62 -12.42
CA LEU D 73 -35.62 -18.64 -11.82
C LEU D 73 -37.07 -18.19 -11.77
N LEU D 74 -37.32 -16.96 -11.33
CA LEU D 74 -38.69 -16.46 -11.27
C LEU D 74 -39.31 -16.38 -12.66
N SER D 75 -38.56 -15.86 -13.63
CA SER D 75 -39.10 -15.76 -14.98
C SER D 75 -39.42 -17.14 -15.54
N LYS D 76 -38.53 -18.11 -15.31
CA LYS D 76 -38.77 -19.48 -15.77
C LYS D 76 -40.02 -20.05 -15.14
N ASN D 77 -40.19 -19.86 -13.83
CA ASN D 77 -41.36 -20.41 -13.15
C ASN D 77 -42.65 -19.81 -13.68
N ILE D 78 -42.69 -18.48 -13.84
CA ILE D 78 -43.92 -17.86 -14.32
C ILE D 78 -44.20 -18.25 -15.76
N ALA D 79 -43.14 -18.38 -16.58
CA ALA D 79 -43.34 -18.81 -17.96
C ALA D 79 -43.87 -20.24 -18.02
N SER D 80 -43.34 -21.13 -17.18
CA SER D 80 -43.85 -22.49 -17.15
C SER D 80 -45.31 -22.51 -16.71
N VAL D 81 -45.67 -21.70 -15.71
CA VAL D 81 -47.06 -21.64 -15.28
C VAL D 81 -47.95 -21.15 -16.42
N ALA D 82 -47.51 -20.11 -17.13
CA ALA D 82 -48.29 -19.59 -18.25
C ALA D 82 -48.47 -20.65 -19.34
N GLU D 83 -47.40 -21.38 -19.66
CA GLU D 83 -47.51 -22.44 -20.65
C GLU D 83 -48.48 -23.52 -20.19
N ARG D 84 -48.45 -23.84 -18.89
CA ARG D 84 -49.39 -24.82 -18.35
C ARG D 84 -50.82 -24.33 -18.50
N VAL D 85 -51.08 -23.06 -18.23
CA VAL D 85 -52.41 -22.50 -18.38
C VAL D 85 -52.85 -22.58 -19.84
N ASP D 187 -57.61 -14.89 -27.68
CA ASP D 187 -57.50 -13.59 -27.02
C ASP D 187 -56.41 -13.62 -25.96
N TRP D 188 -56.43 -14.65 -25.11
CA TRP D 188 -55.41 -14.76 -24.07
C TRP D 188 -54.01 -14.96 -24.66
N PHE D 189 -53.93 -15.56 -25.85
CA PHE D 189 -52.63 -15.82 -26.46
C PHE D 189 -51.89 -14.52 -26.75
N ALA D 190 -52.59 -13.52 -27.27
CA ALA D 190 -51.92 -12.30 -27.74
C ALA D 190 -51.23 -11.58 -26.59
N ARG D 191 -51.95 -11.30 -25.51
CA ARG D 191 -51.38 -10.51 -24.42
C ARG D 191 -50.25 -11.24 -23.71
N LEU D 192 -50.28 -12.58 -23.71
CA LEU D 192 -49.25 -13.35 -23.02
C LEU D 192 -47.89 -13.11 -23.67
N ASP D 193 -47.85 -13.00 -25.00
CA ASP D 193 -46.59 -12.74 -25.68
C ASP D 193 -46.02 -11.38 -25.28
N ALA D 194 -46.88 -10.36 -25.18
CA ALA D 194 -46.42 -9.05 -24.74
C ALA D 194 -45.90 -9.10 -23.32
N ILE D 195 -46.59 -9.84 -22.44
CA ILE D 195 -46.13 -9.97 -21.07
C ILE D 195 -44.76 -10.65 -21.03
N ARG D 196 -44.59 -11.68 -21.87
CA ARG D 196 -43.30 -12.36 -21.95
C ARG D 196 -42.20 -11.41 -22.42
N HIS D 197 -42.51 -10.59 -23.43
CA HIS D 197 -41.53 -9.62 -23.92
C HIS D 197 -41.13 -8.66 -22.81
N LEU D 198 -42.11 -8.16 -22.05
CA LEU D 198 -41.80 -7.25 -20.96
C LEU D 198 -40.93 -7.94 -19.91
N ALA D 199 -41.26 -9.18 -19.56
CA ALA D 199 -40.48 -9.91 -18.57
C ALA D 199 -39.04 -10.11 -19.04
N THR D 200 -38.87 -10.50 -20.30
CA THR D 200 -37.52 -10.70 -20.81
C THR D 200 -36.72 -9.41 -20.79
N ILE D 201 -37.35 -8.30 -21.20
CA ILE D 201 -36.65 -7.01 -21.17
C ILE D 201 -36.21 -6.67 -19.76
N VAL D 202 -37.13 -6.82 -18.79
CA VAL D 202 -36.80 -6.47 -17.41
C VAL D 202 -35.65 -7.33 -16.91
N VAL D 203 -35.73 -8.65 -17.14
CA VAL D 203 -34.71 -9.55 -16.62
C VAL D 203 -33.36 -9.24 -17.24
N ILE D 204 -33.32 -9.03 -18.56
CA ILE D 204 -32.05 -8.75 -19.23
C ILE D 204 -31.46 -7.46 -18.70
N SER D 205 -32.28 -6.41 -18.60
CA SER D 205 -31.76 -5.12 -18.17
C SER D 205 -31.21 -5.19 -16.75
N LEU D 206 -31.93 -5.86 -15.85
CA LEU D 206 -31.47 -5.92 -14.46
C LEU D 206 -30.27 -6.85 -14.30
N SER D 207 -30.16 -7.89 -15.13
CA SER D 207 -29.05 -8.82 -15.01
C SER D 207 -27.76 -8.22 -15.59
N SER D 208 -27.87 -7.44 -16.65
CA SER D 208 -26.67 -6.85 -17.25
C SER D 208 -25.95 -5.96 -16.24
N LEU D 209 -26.70 -5.22 -15.43
CA LEU D 209 -26.07 -4.35 -14.44
C LEU D 209 -25.24 -5.17 -13.45
N MET D 210 -25.78 -6.31 -13.00
CA MET D 210 -25.04 -7.12 -12.04
C MET D 210 -23.83 -7.77 -12.69
N LEU D 211 -23.93 -8.19 -13.95
CA LEU D 211 -22.75 -8.73 -14.61
C LEU D 211 -21.65 -7.67 -14.70
N MET D 212 -22.02 -6.44 -15.07
CA MET D 212 -21.03 -5.37 -15.11
C MET D 212 -20.46 -5.09 -13.73
N SER D 213 -21.30 -5.11 -12.70
CA SER D 213 -20.83 -4.86 -11.35
C SER D 213 -19.84 -5.93 -10.90
N VAL D 214 -20.12 -7.20 -11.21
CA VAL D 214 -19.20 -8.27 -10.87
C VAL D 214 -17.89 -8.10 -11.62
N PHE D 215 -17.96 -7.71 -12.89
CA PHE D 215 -16.73 -7.47 -13.64
C PHE D 215 -15.89 -6.37 -12.99
N LEU D 216 -16.54 -5.28 -12.58
CA LEU D 216 -15.80 -4.14 -12.05
C LEU D 216 -15.24 -4.43 -10.66
N ILE D 217 -16.04 -5.04 -9.79
CA ILE D 217 -15.62 -5.19 -8.39
C ILE D 217 -14.41 -6.10 -8.28
N VAL D 218 -14.32 -7.13 -9.13
CA VAL D 218 -13.18 -8.04 -9.06
C VAL D 218 -11.89 -7.27 -9.29
N GLY D 219 -11.89 -6.33 -10.25
CA GLY D 219 -10.67 -5.57 -10.52
C GLY D 219 -10.18 -4.80 -9.31
N ASN D 220 -11.10 -4.21 -8.55
CA ASN D 220 -10.70 -3.41 -7.39
C ASN D 220 -9.98 -4.26 -6.35
N THR D 221 -10.50 -5.45 -6.07
CA THR D 221 -9.88 -6.29 -5.05
C THR D 221 -8.47 -6.69 -5.46
N LEU D 222 -8.27 -7.02 -6.75
CA LEU D 222 -6.94 -7.38 -7.20
C LEU D 222 -6.01 -6.19 -7.25
N ARG D 223 -6.52 -5.00 -7.56
CA ARG D 223 -5.69 -3.80 -7.47
C ARG D 223 -5.22 -3.57 -6.04
N PHE D 224 -6.14 -3.73 -5.07
CA PHE D 224 -5.76 -3.60 -3.67
C PHE D 224 -4.72 -4.65 -3.28
N ASN D 225 -4.91 -5.88 -3.75
CA ASN D 225 -3.94 -6.94 -3.44
C ASN D 225 -2.57 -6.61 -4.02
N VAL D 226 -2.53 -6.14 -5.27
CA VAL D 226 -1.25 -5.81 -5.89
C VAL D 226 -0.57 -4.68 -5.12
N GLN D 227 -1.32 -3.66 -4.74
CA GLN D 227 -0.72 -2.59 -3.96
C GLN D 227 -0.29 -3.08 -2.58
N ALA D 228 -0.90 -4.14 -2.07
CA ALA D 228 -0.47 -4.72 -0.79
C ALA D 228 0.87 -5.43 -0.94
N ASN D 229 1.11 -6.06 -2.09
CA ASN D 229 2.35 -6.79 -2.36
C ASN D 229 3.35 -5.95 -3.15
N LYS D 230 3.38 -4.64 -2.89
CA LYS D 230 4.28 -3.76 -3.63
C LYS D 230 5.74 -4.18 -3.44
N GLU D 231 6.17 -4.34 -2.19
CA GLU D 231 7.58 -4.64 -1.92
C GLU D 231 7.97 -5.99 -2.51
N GLU D 232 7.11 -6.99 -2.38
CA GLU D 232 7.44 -8.31 -2.92
C GLU D 232 7.62 -8.24 -4.43
N ILE D 233 6.74 -7.53 -5.13
CA ILE D 233 6.87 -7.41 -6.58
C ILE D 233 8.13 -6.63 -6.94
N GLN D 234 8.45 -5.59 -6.17
CA GLN D 234 9.68 -4.84 -6.41
C GLN D 234 10.90 -5.76 -6.33
N THR D 235 11.01 -6.51 -5.23
CA THR D 235 12.15 -7.41 -5.07
C THR D 235 12.17 -8.48 -6.16
N MET D 236 11.00 -9.02 -6.50
CA MET D 236 10.94 -10.07 -7.52
C MET D 236 11.38 -9.56 -8.87
N LYS D 237 10.95 -8.36 -9.26
CA LYS D 237 11.39 -7.78 -10.52
C LYS D 237 12.89 -7.47 -10.48
N LEU D 238 13.39 -6.99 -9.34
CA LEU D 238 14.79 -6.63 -9.26
C LEU D 238 15.69 -7.85 -9.50
N ILE D 239 15.27 -9.02 -9.00
CA ILE D 239 16.10 -10.21 -9.10
C ILE D 239 16.10 -10.80 -10.50
N GLY D 240 15.14 -10.44 -11.35
CA GLY D 240 15.13 -10.90 -12.72
C GLY D 240 14.01 -11.87 -13.05
N ALA D 241 12.88 -11.75 -12.36
CA ALA D 241 11.73 -12.60 -12.63
C ALA D 241 10.95 -12.07 -13.83
N THR D 242 10.52 -12.98 -14.70
CA THR D 242 9.71 -12.60 -15.84
C THR D 242 8.33 -12.14 -15.37
N ASP D 243 7.66 -11.36 -16.23
CA ASP D 243 6.35 -10.82 -15.87
C ASP D 243 5.33 -11.92 -15.64
N ALA D 244 5.40 -13.00 -16.43
CA ALA D 244 4.41 -14.07 -16.30
C ALA D 244 4.43 -14.67 -14.91
N TYR D 245 5.63 -14.86 -14.34
CA TYR D 245 5.72 -15.39 -12.99
C TYR D 245 5.05 -14.45 -12.00
N ILE D 246 5.23 -13.14 -12.17
CA ILE D 246 4.61 -12.18 -11.28
C ILE D 246 3.09 -12.23 -11.42
N LEU D 247 2.61 -12.48 -12.64
CA LEU D 247 1.19 -12.28 -12.94
C LEU D 247 0.33 -13.51 -12.67
N ARG D 248 0.84 -14.72 -12.89
CA ARG D 248 -0.01 -15.90 -12.79
C ARG D 248 -0.75 -16.02 -11.45
N PRO D 249 -0.12 -15.78 -10.30
CA PRO D 249 -0.87 -15.91 -9.04
C PRO D 249 -2.12 -15.05 -9.00
N TYR D 250 -2.07 -13.84 -9.57
CA TYR D 250 -3.25 -12.98 -9.56
C TYR D 250 -4.33 -13.53 -10.48
N LEU D 251 -3.95 -14.09 -11.62
CA LEU D 251 -4.93 -14.72 -12.49
C LEU D 251 -5.65 -15.84 -11.76
N TYR D 252 -4.90 -16.68 -11.05
CA TYR D 252 -5.55 -17.80 -10.36
C TYR D 252 -6.36 -17.33 -9.17
N SER D 253 -5.91 -16.27 -8.49
CA SER D 253 -6.73 -15.68 -7.44
C SER D 253 -8.06 -15.18 -7.99
N GLY D 254 -8.03 -14.53 -9.15
CA GLY D 254 -9.27 -14.08 -9.77
C GLY D 254 -10.17 -15.23 -10.18
N MET D 255 -9.56 -16.29 -10.72
CA MET D 255 -10.36 -17.46 -11.10
C MET D 255 -11.03 -18.09 -9.89
N TRP D 256 -10.31 -18.22 -8.77
CA TRP D 256 -10.91 -18.74 -7.56
C TRP D 256 -12.00 -17.82 -7.04
N PHE D 257 -11.78 -16.50 -7.11
CA PHE D 257 -12.84 -15.55 -6.75
C PHE D 257 -14.09 -15.86 -7.55
N GLY D 258 -13.95 -15.97 -8.87
CA GLY D 258 -15.12 -16.23 -9.71
C GLY D 258 -15.81 -17.53 -9.37
N LEU D 259 -15.04 -18.60 -9.20
CA LEU D 259 -15.64 -19.91 -8.93
C LEU D 259 -16.36 -19.91 -7.59
N LEU D 260 -15.72 -19.40 -6.54
CA LEU D 260 -16.36 -19.36 -5.23
C LEU D 260 -17.60 -18.47 -5.26
N GLY D 261 -17.54 -17.34 -5.97
CA GLY D 261 -18.71 -16.49 -6.10
C GLY D 261 -19.85 -17.21 -6.78
N ALA D 262 -19.55 -17.96 -7.84
CA ALA D 262 -20.61 -18.70 -8.52
C ALA D 262 -21.24 -19.75 -7.60
N VAL D 263 -20.41 -20.48 -6.85
CA VAL D 263 -20.95 -21.49 -5.95
C VAL D 263 -21.81 -20.84 -4.87
N ALA D 264 -21.33 -19.72 -4.31
CA ALA D 264 -22.10 -19.03 -3.28
C ALA D 264 -23.42 -18.50 -3.84
N ALA D 265 -23.40 -18.00 -5.08
CA ALA D 265 -24.65 -17.54 -5.70
C ALA D 265 -25.63 -18.69 -5.90
N TRP D 266 -25.12 -19.84 -6.32
CA TRP D 266 -25.98 -21.01 -6.48
C TRP D 266 -26.64 -21.38 -5.15
N LEU D 267 -25.84 -21.43 -4.08
CA LEU D 267 -26.40 -21.75 -2.76
C LEU D 267 -27.40 -20.70 -2.32
N LEU D 268 -27.11 -19.42 -2.59
CA LEU D 268 -28.03 -18.35 -2.22
C LEU D 268 -29.37 -18.50 -2.95
N THR D 269 -29.33 -18.84 -4.23
CA THR D 269 -30.56 -19.05 -4.98
C THR D 269 -31.33 -20.24 -4.43
N ALA D 270 -30.63 -21.31 -4.09
CA ALA D 270 -31.33 -22.46 -3.48
C ALA D 270 -32.00 -22.06 -2.18
N LEU D 271 -31.31 -21.30 -1.34
CA LEU D 271 -31.88 -20.88 -0.07
C LEU D 271 -33.08 -19.96 -0.28
N MET D 272 -33.00 -19.08 -1.27
CA MET D 272 -34.15 -18.22 -1.57
C MET D 272 -35.34 -19.03 -2.04
N THR D 273 -35.09 -20.06 -2.87
CA THR D 273 -36.18 -20.94 -3.29
C THR D 273 -36.81 -21.62 -2.08
N ILE D 274 -35.98 -22.10 -1.15
CA ILE D 274 -36.51 -22.76 0.05
C ILE D 274 -37.36 -21.79 0.86
N LEU D 275 -36.89 -20.55 1.02
CA LEU D 275 -37.66 -19.56 1.76
C LEU D 275 -38.99 -19.27 1.07
N LEU D 276 -38.96 -19.08 -0.25
CA LEU D 276 -40.16 -18.67 -0.97
C LEU D 276 -41.18 -19.79 -1.07
N ASN D 277 -40.74 -21.06 -1.03
CA ASN D 277 -41.67 -22.15 -1.25
C ASN D 277 -42.77 -22.17 -0.19
N GLY D 278 -42.45 -21.82 1.06
CA GLY D 278 -43.47 -21.80 2.09
C GLY D 278 -44.57 -20.79 1.82
N ALA D 279 -44.18 -19.56 1.46
CA ALA D 279 -45.16 -18.54 1.13
C ALA D 279 -45.95 -18.92 -0.11
N VAL D 280 -45.28 -19.53 -1.09
CA VAL D 280 -45.98 -19.94 -2.31
C VAL D 280 -47.00 -21.03 -1.98
N GLU D 281 -46.66 -21.95 -1.09
CA GLU D 281 -47.62 -22.97 -0.67
C GLU D 281 -48.79 -22.35 0.08
N ALA D 282 -48.51 -21.36 0.94
CA ALA D 282 -49.59 -20.69 1.65
C ALA D 282 -50.53 -20.00 0.66
N LEU D 283 -49.98 -19.34 -0.34
CA LEU D 283 -50.82 -18.72 -1.37
C LEU D 283 -51.59 -19.75 -2.17
N ALA D 284 -50.94 -20.86 -2.54
CA ALA D 284 -51.59 -21.87 -3.38
C ALA D 284 -52.72 -22.57 -2.64
N GLN D 285 -52.61 -22.72 -1.32
CA GLN D 285 -53.68 -23.35 -0.56
C GLN D 285 -55.02 -22.65 -0.84
N LEU D 286 -55.02 -21.33 -0.80
CA LEU D 286 -56.24 -20.58 -1.11
C LEU D 286 -56.66 -20.82 -2.56
N TYR D 287 -55.70 -20.77 -3.49
CA TYR D 287 -56.00 -21.04 -4.89
C TYR D 287 -56.22 -22.52 -5.16
N ASP D 288 -55.70 -23.41 -4.31
CA ASP D 288 -55.78 -24.85 -4.52
C ASP D 288 -55.04 -25.25 -5.80
N SER D 289 -54.04 -24.46 -6.19
CA SER D 289 -53.30 -24.74 -7.42
C SER D 289 -52.48 -26.02 -7.28
N ARG D 290 -51.93 -26.27 -6.10
CA ARG D 290 -51.05 -27.43 -5.88
C ARG D 290 -49.82 -27.34 -6.77
N PHE D 291 -49.21 -26.16 -6.81
CA PHE D 291 -48.04 -25.89 -7.63
C PHE D 291 -46.88 -25.47 -6.75
N ARG D 292 -45.69 -25.95 -7.09
CA ARG D 292 -44.48 -25.72 -6.30
C ARG D 292 -43.37 -25.20 -7.20
N LEU D 293 -42.46 -24.45 -6.60
CA LEU D 293 -41.30 -23.95 -7.33
C LEU D 293 -40.32 -25.09 -7.62
N ILE D 294 -39.51 -24.90 -8.65
CA ILE D 294 -38.49 -25.87 -9.04
C ILE D 294 -37.15 -25.14 -9.15
N GLY D 295 -36.09 -25.76 -8.63
CA GLY D 295 -34.79 -25.15 -8.57
C GLY D 295 -34.10 -25.13 -9.93
N LEU D 296 -32.91 -24.54 -9.93
CA LEU D 296 -32.14 -24.39 -11.16
C LEU D 296 -31.76 -25.77 -11.72
N GLY D 297 -31.77 -25.87 -13.04
CA GLY D 297 -31.36 -27.11 -13.68
C GLY D 297 -29.85 -27.30 -13.60
N TRP D 298 -29.44 -28.56 -13.70
CA TRP D 298 -28.01 -28.87 -13.61
C TRP D 298 -27.23 -28.24 -14.75
N ASP D 299 -27.79 -28.29 -15.97
CA ASP D 299 -27.11 -27.68 -17.12
C ASP D 299 -26.93 -26.18 -16.90
N GLU D 300 -27.92 -25.52 -16.31
CA GLU D 300 -27.80 -24.09 -16.03
C GLU D 300 -26.69 -23.81 -15.03
N SER D 301 -26.54 -24.68 -14.03
CA SER D 301 -25.50 -24.46 -13.02
C SER D 301 -24.12 -24.47 -13.64
N LEU D 302 -23.88 -25.35 -14.61
CA LEU D 302 -22.59 -25.36 -15.30
C LEU D 302 -22.35 -24.03 -16.00
N LEU D 303 -23.37 -23.48 -16.65
CA LEU D 303 -23.22 -22.19 -17.31
C LEU D 303 -22.96 -21.09 -16.29
N LEU D 304 -23.62 -21.14 -15.13
CA LEU D 304 -23.37 -20.15 -14.09
C LEU D 304 -21.93 -20.21 -13.61
N LEU D 305 -21.42 -21.40 -13.35
CA LEU D 305 -20.03 -21.54 -12.93
C LEU D 305 -19.08 -21.05 -14.02
N MET D 306 -19.38 -21.38 -15.28
CA MET D 306 -18.54 -20.93 -16.37
C MET D 306 -18.50 -19.41 -16.44
N LEU D 307 -19.65 -18.77 -16.29
CA LEU D 307 -19.69 -17.30 -16.31
C LEU D 307 -18.89 -16.73 -15.15
N GLY D 308 -19.04 -17.31 -13.96
CA GLY D 308 -18.30 -16.81 -12.81
C GLY D 308 -16.79 -16.89 -13.02
N VAL D 309 -16.31 -18.05 -13.47
CA VAL D 309 -14.88 -18.19 -13.70
C VAL D 309 -14.42 -17.30 -14.85
N PHE D 310 -15.27 -17.13 -15.87
CA PHE D 310 -14.90 -16.25 -16.98
C PHE D 310 -14.68 -14.83 -16.51
N LEU D 311 -15.61 -14.30 -15.71
CA LEU D 311 -15.43 -12.95 -15.18
C LEU D 311 -14.21 -12.88 -14.28
N GLY D 312 -14.07 -13.85 -13.37
CA GLY D 312 -12.95 -13.83 -12.45
C GLY D 312 -11.60 -13.88 -13.15
N CYS D 313 -11.54 -14.50 -14.33
CA CYS D 313 -10.29 -14.54 -15.08
C CYS D 313 -10.09 -13.28 -15.90
N VAL D 314 -11.12 -12.82 -16.61
CA VAL D 314 -10.96 -11.70 -17.53
C VAL D 314 -10.69 -10.41 -16.77
N ALA D 315 -11.47 -10.13 -15.73
CA ALA D 315 -11.25 -8.91 -14.96
C ALA D 315 -9.86 -8.91 -14.35
N ALA D 316 -9.46 -10.05 -13.77
CA ALA D 316 -8.12 -10.14 -13.19
C ALA D 316 -7.05 -9.87 -14.23
N LYS D 317 -7.14 -10.54 -15.38
CA LYS D 317 -6.13 -10.33 -16.41
C LYS D 317 -6.04 -8.86 -16.79
N VAL D 318 -7.18 -8.25 -17.13
CA VAL D 318 -7.16 -6.87 -17.60
C VAL D 318 -6.56 -5.96 -16.55
N SER D 319 -7.13 -5.96 -15.34
CA SER D 319 -6.71 -5.00 -14.33
C SER D 319 -5.26 -5.23 -13.92
N ALA D 320 -4.90 -6.48 -13.61
CA ALA D 320 -3.54 -6.76 -13.16
C ALA D 320 -2.52 -6.44 -14.24
N LYS D 321 -2.78 -6.81 -15.49
CA LYS D 321 -1.83 -6.51 -16.55
C LYS D 321 -1.66 -5.02 -16.74
N ARG D 322 -2.76 -4.26 -16.71
CA ARG D 322 -2.63 -2.81 -16.91
C ARG D 322 -1.92 -2.16 -15.73
N HIS D 323 -2.12 -2.67 -14.52
CA HIS D 323 -1.54 -2.03 -13.35
C HIS D 323 -0.09 -2.45 -13.10
N LEU D 324 0.31 -3.63 -13.58
CA LEU D 324 1.65 -4.11 -13.27
C LEU D 324 2.73 -3.28 -13.94
N LYS D 325 2.40 -2.60 -15.04
CA LYS D 325 3.42 -1.83 -15.76
C LYS D 325 3.98 -0.70 -14.90
N GLU D 326 3.13 -0.08 -14.08
CA GLU D 326 3.50 1.13 -13.35
C GLU D 326 4.03 0.85 -11.95
N ILE D 327 4.70 -0.28 -11.74
CA ILE D 327 5.39 -0.57 -10.49
C ILE D 327 6.86 -0.81 -10.83
N GLU D 328 7.75 -0.08 -10.17
CA GLU D 328 9.16 -0.11 -10.51
C GLU D 328 9.96 -0.90 -9.48
N PRO D 329 11.05 -1.54 -9.91
CA PRO D 329 11.84 -2.33 -8.95
C PRO D 329 12.36 -1.52 -7.77
N VAL D 330 12.73 -0.26 -8.00
CA VAL D 330 13.22 0.60 -6.93
C VAL D 330 12.78 2.03 -7.16
MG MG E . 18.61 2.77 14.56
PB ADP F . 20.51 0.71 16.89
O1B ADP F . 19.34 1.40 16.16
O2B ADP F . 21.61 0.38 15.89
O3B ADP F . 21.06 1.62 17.99
PA ADP F . 18.54 -0.66 18.47
O1A ADP F . 17.49 0.06 17.62
O2A ADP F . 18.79 0.09 19.79
O3A ADP F . 19.95 -0.69 17.62
O5' ADP F . 18.00 -2.20 18.80
C5' ADP F . 17.57 -2.47 20.13
C4' ADP F . 18.05 -3.85 20.60
O4' ADP F . 16.93 -4.74 20.68
C3' ADP F . 18.97 -4.52 19.59
O3' ADP F . 19.62 -5.63 20.20
C2' ADP F . 17.96 -5.01 18.56
O2' ADP F . 18.46 -6.17 17.90
C1' ADP F . 16.76 -5.40 19.42
N9 ADP F . 15.50 -4.96 18.80
C8 ADP F . 15.22 -3.72 18.40
N7 ADP F . 13.99 -3.69 17.89
C5 ADP F . 13.47 -4.93 17.98
C6 ADP F . 12.23 -5.51 17.61
N6 ADP F . 11.20 -4.70 17.00
N1 ADP F . 12.04 -6.80 17.85
C2 ADP F . 12.99 -7.56 18.41
N3 ADP F . 14.17 -7.04 18.77
C4 ADP F . 14.44 -5.74 18.57
MG MG G . 23.56 6.49 -2.94
PB ADP H . 24.27 9.32 -4.76
O1B ADP H . 23.29 8.15 -4.63
O2B ADP H . 24.52 9.94 -3.38
O3B ADP H . 25.60 8.83 -5.36
PA ADP H . 22.96 9.98 -7.24
O1A ADP H . 22.02 8.82 -6.93
O2A ADP H . 24.10 9.54 -8.18
O3A ADP H . 23.64 10.46 -5.81
O5' ADP H . 22.10 11.22 -7.94
C5' ADP H . 22.31 11.44 -9.33
C4' ADP H . 22.37 12.95 -9.65
O4' ADP H . 21.19 13.33 -10.36
C3' ADP H . 22.34 13.81 -8.38
O3' ADP H . 22.71 15.13 -8.71
C2' ADP H . 20.85 13.74 -8.04
O2' ADP H . 20.47 14.92 -7.34
C1' ADP H . 20.18 13.73 -9.42
N9 ADP H . 19.07 12.77 -9.45
C8 ADP H . 19.14 11.48 -9.10
N7 ADP H . 17.94 10.91 -9.27
C5 ADP H . 17.10 11.85 -9.72
C6 ADP H . 15.73 11.86 -10.07
N6 ADP H . 14.94 10.65 -9.96
N1 ADP H . 15.18 13.00 -10.50
C2 ADP H . 15.91 14.12 -10.60
N3 ADP H . 17.20 14.14 -10.27
C4 ADP H . 17.82 13.04 -9.84
#